data_7KBG
#
_entry.id   7KBG
#
_cell.length_a   92.260
_cell.length_b   99.270
_cell.length_c   139.020
_cell.angle_alpha   90.000
_cell.angle_beta   90.000
_cell.angle_gamma   90.000
#
_symmetry.space_group_name_H-M   'P 21 21 21'
#
loop_
_entity.id
_entity.type
_entity.pdbx_description
1 polymer 'Histone deacetylase 2'
2 non-polymer 'ZINC ION'
3 non-polymer 'CALCIUM ION'
4 non-polymer 'SULFATE ION'
5 non-polymer DI(HYDROXYETHYL)ETHER
6 non-polymer N-{(1S)-5-[(2-fluoro-6-hydroxybenzene-1-carbonyl)amino]-1-[5-(naphthalen-2-yl)-1H-imidazol-2-yl]pentyl}-1,3-thiazole-5-carboxamide
7 non-polymer 'DIMETHYL SULFOXIDE'
8 non-polymer 2,5-dichloro-1H-benzimidazole
9 water water
#
_entity_poly.entity_id   1
_entity_poly.type   'polypeptide(L)'
_entity_poly.pdbx_seq_one_letter_code
;MAYSQGGGKKKVCYYYDGDIGNYYYGQGHPMKPHRIRMTHNLLLNYGLYRKMEIYRPHKATAEEMTKYHSDEYIKFLRSI
RPDNMSEYSKQMQRFNVGEDCPVFDGLFEFCQLSTGGSVAGAVKLNRQQTDMAVNWAGGLHHAKKSEASGFCYVNDIVLA
ILELLKYHQRVLYIDIDIHHGDGVEEAFYTTDRVMTVSFHKYGEYFPGTGDLRDIGAGKGKYYAVNFPMRDGIDDESYGQ
IFKPIISKVMEMYQPSAVVLQCGADSLSGDRLGCFNLTVKGHAKCVEVVKTFNLPLLMLGGGGYTIRNVARCWTYETAVA
LDCEIPNELPYNDYFEYFGPDFKLHISPSNMTNQNTPEYMEKIKQRLFENLRMLPH
;
_entity_poly.pdbx_strand_id   A,B,C
#
# COMPACT_ATOMS: atom_id res chain seq x y z
N GLY A 8 -17.69 32.43 -10.88
CA GLY A 8 -18.97 32.29 -11.57
C GLY A 8 -18.84 31.56 -12.88
N LYS A 9 -19.73 31.85 -13.83
CA LYS A 9 -19.72 31.25 -15.16
C LYS A 9 -18.55 31.80 -15.96
N LYS A 10 -17.92 30.95 -16.75
CA LYS A 10 -16.75 31.34 -17.52
C LYS A 10 -16.97 31.40 -19.03
N LYS A 11 -16.16 32.21 -19.73
CA LYS A 11 -16.21 32.35 -21.17
C LYS A 11 -15.47 31.16 -21.78
N VAL A 12 -16.04 30.52 -22.81
CA VAL A 12 -15.42 29.35 -23.44
C VAL A 12 -15.23 29.57 -24.92
N CYS A 13 -14.02 29.36 -25.41
CA CYS A 13 -13.68 29.42 -26.83
C CYS A 13 -13.38 28.01 -27.28
N TYR A 14 -13.94 27.61 -28.39
CA TYR A 14 -13.85 26.23 -28.85
C TYR A 14 -13.28 26.21 -30.23
N TYR A 15 -12.29 25.34 -30.47
CA TYR A 15 -11.53 25.28 -31.71
C TYR A 15 -11.85 24.02 -32.48
N TYR A 16 -12.23 24.16 -33.75
CA TYR A 16 -12.60 23.03 -34.56
C TYR A 16 -12.49 23.35 -36.02
N ASP A 17 -12.01 22.37 -36.80
CA ASP A 17 -11.96 22.47 -38.24
C ASP A 17 -12.78 21.32 -38.77
N GLY A 18 -13.80 21.63 -39.58
CA GLY A 18 -14.69 20.64 -40.18
C GLY A 18 -14.02 19.58 -41.02
N ASP A 19 -12.78 19.80 -41.42
CA ASP A 19 -12.04 18.79 -42.21
C ASP A 19 -11.42 17.70 -41.35
N ILE A 20 -11.27 17.95 -40.03
CA ILE A 20 -10.58 17.01 -39.16
C ILE A 20 -11.11 15.58 -39.20
N GLY A 21 -12.41 15.42 -39.34
CA GLY A 21 -13.03 14.10 -39.34
C GLY A 21 -12.76 13.26 -40.56
N ASN A 22 -12.20 13.88 -41.62
CA ASN A 22 -11.90 13.18 -42.87
C ASN A 22 -10.55 12.48 -42.91
N TYR A 23 -9.66 12.76 -41.94
CA TYR A 23 -8.35 12.11 -41.93
C TYR A 23 -8.52 10.65 -41.52
N TYR A 24 -7.84 9.75 -42.21
CA TYR A 24 -8.01 8.31 -41.99
C TYR A 24 -6.68 7.64 -41.81
N TYR A 25 -6.51 6.99 -40.65
CA TYR A 25 -5.25 6.31 -40.34
C TYR A 25 -5.06 4.98 -41.08
N GLY A 26 -6.13 4.46 -41.67
CA GLY A 26 -6.03 3.20 -42.42
C GLY A 26 -6.90 2.10 -41.85
N GLN A 27 -7.14 1.07 -42.68
CA GLN A 27 -7.95 -0.07 -42.30
C GLN A 27 -7.50 -0.73 -41.01
N GLY A 28 -8.42 -0.83 -40.05
CA GLY A 28 -8.15 -1.48 -38.78
C GLY A 28 -7.48 -0.63 -37.74
N HIS A 29 -6.98 0.57 -38.10
CA HIS A 29 -6.30 1.43 -37.13
C HIS A 29 -7.32 1.95 -36.13
N PRO A 30 -7.10 1.78 -34.82
CA PRO A 30 -8.13 2.22 -33.87
C PRO A 30 -8.34 3.73 -33.75
N MET A 31 -7.38 4.55 -34.18
CA MET A 31 -7.54 6.00 -34.09
C MET A 31 -8.45 6.48 -35.20
N LYS A 32 -9.58 7.09 -34.81
CA LYS A 32 -10.60 7.53 -35.77
C LYS A 32 -10.89 9.00 -35.60
N PRO A 33 -10.25 9.87 -36.40
CA PRO A 33 -10.50 11.32 -36.27
C PRO A 33 -11.98 11.71 -36.43
N HIS A 34 -12.80 10.86 -37.06
CA HIS A 34 -14.24 11.05 -37.20
C HIS A 34 -14.91 11.27 -35.84
N ARG A 35 -14.32 10.70 -34.76
CA ARG A 35 -14.88 10.89 -33.42
C ARG A 35 -14.96 12.40 -33.03
N ILE A 36 -14.06 13.23 -33.60
N ILE A 36 -14.06 13.24 -33.57
CA ILE A 36 -14.08 14.67 -33.32
CA ILE A 36 -14.12 14.68 -33.26
C ILE A 36 -15.31 15.30 -33.99
C ILE A 36 -15.33 15.32 -33.98
N ARG A 37 -15.64 14.84 -35.20
CA ARG A 37 -16.80 15.32 -35.93
C ARG A 37 -18.07 14.85 -35.21
N MET A 38 -18.09 13.62 -34.66
CA MET A 38 -19.23 13.13 -33.91
C MET A 38 -19.45 13.97 -32.67
N THR A 39 -18.35 14.31 -31.97
CA THR A 39 -18.41 15.16 -30.78
C THR A 39 -19.02 16.52 -31.14
N HIS A 40 -18.48 17.14 -32.21
CA HIS A 40 -18.94 18.44 -32.66
C HIS A 40 -20.44 18.42 -33.01
N ASN A 41 -20.86 17.39 -33.76
CA ASN A 41 -22.25 17.33 -34.17
C ASN A 41 -23.19 17.11 -32.99
N LEU A 42 -22.74 16.33 -31.99
CA LEU A 42 -23.59 16.09 -30.84
C LEU A 42 -23.71 17.36 -30.01
N LEU A 43 -22.59 18.07 -29.79
CA LEU A 43 -22.67 19.27 -28.97
C LEU A 43 -23.46 20.37 -29.72
N LEU A 44 -23.42 20.39 -31.07
CA LEU A 44 -24.22 21.34 -31.83
C LEU A 44 -25.71 21.03 -31.64
N ASN A 45 -26.10 19.75 -31.71
CA ASN A 45 -27.48 19.33 -31.56
C ASN A 45 -28.02 19.51 -30.14
N TYR A 46 -27.13 19.61 -29.15
CA TYR A 46 -27.53 19.95 -27.77
C TYR A 46 -27.67 21.49 -27.61
N GLY A 47 -27.29 22.26 -28.61
CA GLY A 47 -27.38 23.72 -28.59
C GLY A 47 -26.23 24.39 -27.86
N LEU A 48 -25.13 23.67 -27.62
CA LEU A 48 -23.98 24.25 -26.89
C LEU A 48 -23.24 25.36 -27.70
N TYR A 49 -23.57 25.53 -28.99
CA TYR A 49 -22.96 26.57 -29.83
CA TYR A 49 -23.03 26.56 -29.89
C TYR A 49 -23.49 27.97 -29.46
N ARG A 50 -24.69 28.07 -28.89
CA ARG A 50 -25.25 29.36 -28.48
C ARG A 50 -24.56 29.96 -27.26
N LYS A 51 -23.70 29.18 -26.57
CA LYS A 51 -23.05 29.70 -25.37
C LYS A 51 -21.52 29.79 -25.46
N MET A 52 -20.92 29.47 -26.61
CA MET A 52 -19.46 29.58 -26.72
C MET A 52 -19.03 30.18 -28.08
N GLU A 53 -17.80 30.71 -28.14
CA GLU A 53 -17.27 31.28 -29.36
C GLU A 53 -16.57 30.16 -30.08
N ILE A 54 -16.99 29.87 -31.32
CA ILE A 54 -16.40 28.78 -32.10
C ILE A 54 -15.41 29.38 -33.09
N TYR A 55 -14.18 28.85 -33.13
CA TYR A 55 -13.13 29.30 -34.01
C TYR A 55 -12.57 28.15 -34.84
N ARG A 56 -12.15 28.44 -36.06
CA ARG A 56 -11.53 27.46 -36.93
C ARG A 56 -10.07 27.83 -36.84
N PRO A 57 -9.24 26.99 -36.20
CA PRO A 57 -7.83 27.39 -36.03
C PRO A 57 -7.07 27.40 -37.33
N HIS A 58 -5.99 28.18 -37.35
CA HIS A 58 -5.12 28.22 -38.53
C HIS A 58 -4.33 26.90 -38.62
N LYS A 59 -3.74 26.63 -39.76
CA LYS A 59 -2.89 25.47 -39.95
C LYS A 59 -1.53 25.86 -39.39
N ALA A 60 -1.12 25.30 -38.22
CA ALA A 60 0.19 25.62 -37.63
C ALA A 60 1.31 25.37 -38.63
N THR A 61 2.23 26.33 -38.74
CA THR A 61 3.33 26.18 -39.71
C THR A 61 4.41 25.24 -39.19
N ALA A 62 5.25 24.75 -40.11
CA ALA A 62 6.42 23.94 -39.76
C ALA A 62 7.30 24.73 -38.78
N GLU A 63 7.45 26.05 -39.01
CA GLU A 63 8.23 26.89 -38.11
C GLU A 63 7.63 26.91 -36.70
N GLU A 64 6.28 26.97 -36.57
CA GLU A 64 5.65 26.94 -35.25
C GLU A 64 5.95 25.58 -34.58
N MET A 65 5.94 24.50 -35.33
CA MET A 65 6.20 23.17 -34.76
C MET A 65 7.63 22.99 -34.32
N THR A 66 8.58 23.67 -35.01
CA THR A 66 9.99 23.54 -34.63
C THR A 66 10.34 24.34 -33.38
N LYS A 67 9.35 24.99 -32.71
CA LYS A 67 9.64 25.59 -31.41
C LYS A 67 9.95 24.44 -30.40
N TYR A 68 9.51 23.20 -30.71
CA TYR A 68 9.81 22.04 -29.90
C TYR A 68 10.50 20.96 -30.75
N HIS A 69 9.86 20.53 -31.82
CA HIS A 69 10.36 19.44 -32.63
C HIS A 69 11.59 19.78 -33.44
N SER A 70 12.39 18.76 -33.77
CA SER A 70 13.58 19.01 -34.57
C SER A 70 13.22 19.42 -35.97
N ASP A 71 14.11 20.20 -36.60
CA ASP A 71 13.90 20.64 -37.98
C ASP A 71 13.81 19.43 -38.93
N GLU A 72 14.67 18.41 -38.72
CA GLU A 72 14.65 17.24 -39.59
C GLU A 72 13.37 16.45 -39.49
N TYR A 73 12.83 16.32 -38.27
CA TYR A 73 11.61 15.55 -38.06
C TYR A 73 10.41 16.28 -38.72
N ILE A 74 10.32 17.60 -38.53
CA ILE A 74 9.21 18.35 -39.13
C ILE A 74 9.32 18.35 -40.65
N LYS A 75 10.54 18.48 -41.20
CA LYS A 75 10.73 18.44 -42.65
C LYS A 75 10.26 17.09 -43.21
N PHE A 76 10.58 16.01 -42.49
CA PHE A 76 10.13 14.67 -42.84
C PHE A 76 8.59 14.60 -42.89
N LEU A 77 7.92 15.06 -41.82
CA LEU A 77 6.45 15.00 -41.76
C LEU A 77 5.81 15.80 -42.89
N ARG A 78 6.40 16.92 -43.25
CA ARG A 78 5.87 17.78 -44.31
C ARG A 78 6.18 17.23 -45.73
N SER A 79 7.07 16.21 -45.84
CA SER A 79 7.47 15.67 -47.14
C SER A 79 6.91 14.30 -47.46
N ILE A 80 6.75 13.46 -46.45
CA ILE A 80 6.33 12.08 -46.67
C ILE A 80 4.88 11.96 -47.03
N ARG A 81 4.59 11.10 -48.01
CA ARG A 81 3.25 10.82 -48.50
C ARG A 81 3.18 9.33 -48.84
N PRO A 82 1.98 8.74 -48.91
CA PRO A 82 1.88 7.32 -49.28
C PRO A 82 2.53 7.02 -50.65
N ASP A 83 2.50 7.97 -51.61
CA ASP A 83 3.07 7.75 -52.95
C ASP A 83 4.62 7.85 -53.01
N ASN A 84 5.26 8.39 -51.98
CA ASN A 84 6.73 8.51 -51.98
C ASN A 84 7.40 7.79 -50.80
N MET A 85 6.61 7.09 -49.95
CA MET A 85 7.04 6.33 -48.77
C MET A 85 8.25 5.45 -49.01
N SER A 86 8.32 4.78 -50.19
CA SER A 86 9.39 3.87 -50.55
C SER A 86 10.77 4.53 -50.52
N GLU A 87 10.82 5.84 -50.78
CA GLU A 87 12.08 6.59 -50.76
C GLU A 87 12.50 7.00 -49.34
N TYR A 88 11.62 6.84 -48.34
CA TYR A 88 11.88 7.27 -46.98
C TYR A 88 11.99 6.14 -45.96
N SER A 89 12.29 4.90 -46.40
CA SER A 89 12.39 3.78 -45.45
C SER A 89 13.36 4.03 -44.29
N LYS A 90 14.47 4.72 -44.55
CA LYS A 90 15.47 5.03 -43.52
C LYS A 90 14.92 6.04 -42.49
N GLN A 91 14.35 7.16 -42.95
CA GLN A 91 13.79 8.15 -42.06
C GLN A 91 12.56 7.63 -41.31
N MET A 92 11.76 6.76 -41.93
CA MET A 92 10.59 6.20 -41.27
C MET A 92 10.99 5.43 -40.01
N GLN A 93 12.08 4.68 -40.09
CA GLN A 93 12.58 3.93 -38.93
C GLN A 93 13.10 4.88 -37.88
N ARG A 94 13.88 5.87 -38.28
CA ARG A 94 14.46 6.87 -37.41
C ARG A 94 13.39 7.65 -36.63
N PHE A 95 12.28 7.99 -37.30
CA PHE A 95 11.22 8.77 -36.70
C PHE A 95 10.03 7.98 -36.18
N ASN A 96 10.11 6.65 -36.17
CA ASN A 96 9.07 5.76 -35.68
C ASN A 96 7.75 5.91 -36.42
N VAL A 97 7.83 6.03 -37.74
CA VAL A 97 6.65 6.09 -38.57
C VAL A 97 6.56 4.72 -39.20
N GLY A 98 5.48 4.03 -38.90
CA GLY A 98 5.26 2.67 -39.34
C GLY A 98 3.92 2.21 -38.85
N GLU A 99 3.85 1.03 -38.24
CA GLU A 99 2.60 0.46 -37.80
C GLU A 99 1.73 1.41 -36.95
N ASP A 100 2.14 1.80 -35.73
CA ASP A 100 1.29 2.66 -34.91
C ASP A 100 1.05 4.01 -35.49
N CYS A 101 2.08 4.59 -36.10
CA CYS A 101 2.02 5.94 -36.63
C CYS A 101 2.23 5.88 -38.13
N PRO A 102 1.18 5.51 -38.88
CA PRO A 102 1.36 5.36 -40.32
C PRO A 102 1.41 6.64 -41.11
N VAL A 103 1.82 6.48 -42.38
CA VAL A 103 1.81 7.57 -43.33
C VAL A 103 0.39 7.48 -43.92
N PHE A 104 -0.34 8.58 -43.88
CA PHE A 104 -1.66 8.63 -44.47
C PHE A 104 -1.83 9.92 -45.25
N ASP A 105 -2.81 9.96 -46.18
CA ASP A 105 -3.08 11.14 -46.99
C ASP A 105 -3.43 12.31 -46.07
N GLY A 106 -2.73 13.42 -46.25
CA GLY A 106 -2.98 14.61 -45.45
C GLY A 106 -2.40 14.56 -44.05
N LEU A 107 -1.49 13.62 -43.73
CA LEU A 107 -0.88 13.55 -42.40
C LEU A 107 -0.40 14.90 -41.86
N PHE A 108 0.38 15.64 -42.65
CA PHE A 108 0.88 16.92 -42.20
C PHE A 108 -0.21 17.91 -41.89
N GLU A 109 -1.22 17.99 -42.77
CA GLU A 109 -2.33 18.92 -42.53
C GLU A 109 -3.11 18.54 -41.27
N PHE A 110 -3.26 17.24 -41.00
CA PHE A 110 -3.90 16.77 -39.78
C PHE A 110 -3.10 17.28 -38.56
N CYS A 111 -1.75 17.19 -38.63
CA CYS A 111 -0.91 17.70 -37.55
C CYS A 111 -1.07 19.22 -37.40
N GLN A 112 -1.15 19.94 -38.53
CA GLN A 112 -1.30 21.38 -38.51
C GLN A 112 -2.59 21.83 -37.83
N LEU A 113 -3.67 21.09 -38.06
CA LEU A 113 -4.97 21.44 -37.48
C LEU A 113 -5.04 21.09 -36.00
N SER A 114 -4.54 19.90 -35.61
CA SER A 114 -4.51 19.48 -34.22
C SER A 114 -3.67 20.49 -33.42
N THR A 115 -2.50 20.88 -33.96
CA THR A 115 -1.62 21.81 -33.29
C THR A 115 -2.17 23.23 -33.31
N GLY A 116 -2.73 23.64 -34.44
CA GLY A 116 -3.30 24.99 -34.57
C GLY A 116 -4.33 25.29 -33.49
N GLY A 117 -5.19 24.33 -33.21
CA GLY A 117 -6.21 24.52 -32.19
C GLY A 117 -5.64 24.75 -30.80
N SER A 118 -4.59 24.00 -30.43
CA SER A 118 -4.00 24.11 -29.09
C SER A 118 -3.22 25.39 -28.95
N VAL A 119 -2.43 25.74 -29.96
N VAL A 119 -2.41 25.75 -29.96
CA VAL A 119 -1.66 26.99 -29.93
CA VAL A 119 -1.64 27.00 -29.88
C VAL A 119 -2.61 28.18 -29.95
C VAL A 119 -2.58 28.20 -29.97
N ALA A 120 -3.65 28.13 -30.79
CA ALA A 120 -4.61 29.25 -30.87
C ALA A 120 -5.32 29.44 -29.52
N GLY A 121 -5.67 28.34 -28.85
CA GLY A 121 -6.31 28.43 -27.55
C GLY A 121 -5.38 29.04 -26.52
N ALA A 122 -4.09 28.68 -26.58
CA ALA A 122 -3.11 29.23 -25.64
C ALA A 122 -2.95 30.75 -25.89
N VAL A 123 -2.93 31.19 -27.16
CA VAL A 123 -2.82 32.63 -27.47
C VAL A 123 -4.03 33.37 -26.91
N LYS A 124 -5.22 32.81 -27.08
CA LYS A 124 -6.44 33.43 -26.58
C LYS A 124 -6.40 33.59 -25.04
N LEU A 125 -5.91 32.55 -24.34
CA LEU A 125 -5.78 32.61 -22.89
C LEU A 125 -4.72 33.66 -22.51
N ASN A 126 -3.61 33.70 -23.24
CA ASN A 126 -2.55 34.69 -22.98
C ASN A 126 -3.05 36.11 -23.12
N ARG A 127 -3.94 36.33 -24.10
CA ARG A 127 -4.51 37.67 -24.32
C ARG A 127 -5.63 38.02 -23.33
N GLN A 128 -5.94 37.11 -22.38
CA GLN A 128 -6.99 37.28 -21.39
C GLN A 128 -8.35 37.53 -22.05
N GLN A 129 -8.56 36.89 -23.22
CA GLN A 129 -9.81 37.01 -23.95
C GLN A 129 -10.76 35.83 -23.74
N THR A 130 -10.40 34.86 -22.90
CA THR A 130 -11.25 33.74 -22.56
C THR A 130 -10.81 33.15 -21.25
N ASP A 131 -11.72 32.47 -20.58
CA ASP A 131 -11.40 31.78 -19.34
C ASP A 131 -10.96 30.34 -19.65
N MET A 132 -11.62 29.73 -20.64
CA MET A 132 -11.34 28.38 -21.08
CA MET A 132 -11.32 28.38 -21.08
C MET A 132 -11.24 28.31 -22.59
N ALA A 133 -10.36 27.48 -23.08
CA ALA A 133 -10.18 27.26 -24.51
C ALA A 133 -10.20 25.74 -24.66
N VAL A 134 -10.92 25.23 -25.66
CA VAL A 134 -11.13 23.79 -25.87
C VAL A 134 -10.67 23.38 -27.25
N ASN A 135 -9.86 22.32 -27.34
CA ASN A 135 -9.44 21.77 -28.63
C ASN A 135 -9.49 20.27 -28.52
N TRP A 136 -10.63 19.68 -28.89
CA TRP A 136 -10.77 18.22 -28.78
C TRP A 136 -9.89 17.47 -29.75
N ALA A 137 -9.40 18.11 -30.82
CA ALA A 137 -8.49 17.46 -31.76
C ALA A 137 -7.03 17.44 -31.24
N GLY A 138 -6.77 18.07 -30.10
CA GLY A 138 -5.43 18.09 -29.54
C GLY A 138 -5.26 17.07 -28.44
N GLY A 139 -4.23 17.25 -27.62
CA GLY A 139 -3.91 16.33 -26.53
C GLY A 139 -3.01 15.17 -26.93
N LEU A 140 -2.18 15.33 -27.98
CA LEU A 140 -1.36 14.24 -28.52
C LEU A 140 -0.03 14.13 -27.79
N HIS A 141 -0.17 13.65 -26.56
CA HIS A 141 0.90 13.64 -25.55
C HIS A 141 2.04 12.72 -25.78
N HIS A 142 1.94 11.77 -26.72
CA HIS A 142 3.04 10.82 -26.92
C HIS A 142 4.13 11.28 -27.86
N ALA A 143 3.86 12.28 -28.72
CA ALA A 143 4.87 12.72 -29.68
C ALA A 143 6.09 13.29 -29.00
N LYS A 144 7.26 12.93 -29.51
CA LYS A 144 8.52 13.37 -28.93
C LYS A 144 9.23 14.38 -29.83
N LYS A 145 10.35 14.96 -29.37
CA LYS A 145 11.06 15.96 -30.14
C LYS A 145 11.36 15.53 -31.58
N SER A 146 11.86 14.31 -31.76
CA SER A 146 12.20 13.83 -33.10
C SER A 146 11.64 12.45 -33.36
N GLU A 147 10.44 12.15 -32.82
CA GLU A 147 9.85 10.84 -33.02
C GLU A 147 8.35 10.84 -32.84
N ALA A 148 7.64 10.14 -33.72
CA ALA A 148 6.21 9.93 -33.57
C ALA A 148 6.09 8.76 -32.58
N SER A 149 4.95 8.65 -31.92
CA SER A 149 4.70 7.55 -31.00
C SER A 149 3.22 7.52 -30.66
N GLY A 150 2.70 6.31 -30.48
CA GLY A 150 1.37 6.09 -29.97
C GLY A 150 0.26 6.84 -30.68
N PHE A 151 0.32 6.82 -32.02
CA PHE A 151 -0.64 7.47 -32.92
C PHE A 151 -0.47 9.00 -32.98
N CYS A 152 0.53 9.55 -32.29
CA CYS A 152 0.81 10.99 -32.21
C CYS A 152 2.03 11.34 -33.02
N TYR A 153 1.98 12.48 -33.73
CA TYR A 153 3.13 12.91 -34.53
C TYR A 153 3.72 14.22 -34.05
N VAL A 154 2.85 15.22 -33.79
CA VAL A 154 3.29 16.52 -33.34
C VAL A 154 2.67 16.78 -31.98
N ASN A 155 3.50 17.15 -31.01
CA ASN A 155 3.04 17.36 -29.65
C ASN A 155 2.45 18.74 -29.49
N ASP A 156 1.14 18.84 -29.81
CA ASP A 156 0.44 20.10 -29.71
C ASP A 156 0.45 20.64 -28.27
N ILE A 157 0.47 19.71 -27.27
CA ILE A 157 0.47 20.12 -25.87
C ILE A 157 1.73 20.87 -25.51
N VAL A 158 2.89 20.31 -25.88
CA VAL A 158 4.16 20.97 -25.58
C VAL A 158 4.22 22.36 -26.25
N LEU A 159 3.76 22.44 -27.51
CA LEU A 159 3.76 23.72 -28.20
C LEU A 159 2.82 24.72 -27.54
N ALA A 160 1.65 24.28 -27.07
CA ALA A 160 0.71 25.17 -26.41
C ALA A 160 1.29 25.63 -25.07
N ILE A 161 1.97 24.73 -24.35
CA ILE A 161 2.58 25.13 -23.06
C ILE A 161 3.70 26.12 -23.29
N LEU A 162 4.51 25.92 -24.33
CA LEU A 162 5.57 26.90 -24.64
C LEU A 162 4.94 28.28 -24.94
N GLU A 163 3.75 28.30 -25.57
CA GLU A 163 3.07 29.56 -25.82
C GLU A 163 2.62 30.18 -24.49
N LEU A 164 2.01 29.37 -23.60
CA LEU A 164 1.57 29.87 -22.29
C LEU A 164 2.75 30.39 -21.48
N LEU A 165 3.92 29.76 -21.58
CA LEU A 165 5.11 30.19 -20.84
C LEU A 165 5.60 31.59 -21.21
N LYS A 166 5.11 32.16 -22.31
CA LYS A 166 5.49 33.51 -22.70
C LYS A 166 4.89 34.51 -21.71
N TYR A 167 3.74 34.19 -21.08
CA TYR A 167 3.03 35.07 -20.15
C TYR A 167 2.80 34.50 -18.76
N HIS A 168 3.15 33.22 -18.54
CA HIS A 168 2.91 32.56 -17.26
C HIS A 168 4.18 31.96 -16.73
N GLN A 169 4.55 32.33 -15.48
CA GLN A 169 5.77 31.80 -14.89
C GLN A 169 5.69 30.32 -14.65
N ARG A 170 4.54 29.84 -14.15
CA ARG A 170 4.34 28.42 -13.83
C ARG A 170 3.06 27.91 -14.49
N VAL A 171 3.19 26.81 -15.23
CA VAL A 171 2.07 26.19 -15.91
C VAL A 171 1.88 24.79 -15.38
N LEU A 172 0.64 24.45 -15.03
CA LEU A 172 0.34 23.11 -14.55
C LEU A 172 -0.31 22.29 -15.67
N TYR A 173 0.21 21.11 -15.91
CA TYR A 173 -0.31 20.18 -16.90
C TYR A 173 -0.88 18.96 -16.15
N ILE A 174 -2.16 18.61 -16.41
CA ILE A 174 -2.85 17.47 -15.78
C ILE A 174 -3.31 16.55 -16.91
N ASP A 175 -3.11 15.25 -16.75
CA ASP A 175 -3.41 14.31 -17.83
C ASP A 175 -4.18 13.12 -17.32
N ILE A 176 -5.46 13.00 -17.73
CA ILE A 176 -6.34 11.93 -17.29
C ILE A 176 -6.59 10.87 -18.37
N ASP A 177 -5.82 10.90 -19.44
CA ASP A 177 -5.83 9.83 -20.43
C ASP A 177 -5.38 8.53 -19.70
N ILE A 178 -5.75 7.36 -20.22
CA ILE A 178 -5.30 6.12 -19.59
C ILE A 178 -3.78 5.93 -19.72
N HIS A 179 -3.17 6.51 -20.75
CA HIS A 179 -1.74 6.34 -20.99
C HIS A 179 -0.92 7.42 -20.36
N HIS A 180 0.28 7.06 -19.90
CA HIS A 180 1.20 8.04 -19.32
C HIS A 180 1.47 9.19 -20.31
N GLY A 181 1.45 10.43 -19.81
CA GLY A 181 1.74 11.60 -20.66
C GLY A 181 3.24 11.77 -20.81
N ASP A 182 3.88 10.80 -21.47
CA ASP A 182 5.34 10.72 -21.59
C ASP A 182 6.01 11.81 -22.39
N GLY A 183 5.46 12.22 -23.54
CA GLY A 183 6.10 13.25 -24.35
C GLY A 183 6.13 14.59 -23.64
N VAL A 184 5.03 14.93 -22.98
CA VAL A 184 4.94 16.18 -22.24
C VAL A 184 5.86 16.15 -21.02
N GLU A 185 5.84 15.03 -20.27
CA GLU A 185 6.72 14.90 -19.11
C GLU A 185 8.19 15.03 -19.53
N GLU A 186 8.60 14.36 -20.62
CA GLU A 186 9.98 14.43 -21.05
C GLU A 186 10.39 15.83 -21.48
N ALA A 187 9.51 16.54 -22.21
CA ALA A 187 9.84 17.88 -22.70
C ALA A 187 10.18 18.83 -21.57
N PHE A 188 9.50 18.69 -20.44
CA PHE A 188 9.69 19.59 -19.31
C PHE A 188 10.35 18.95 -18.08
N TYR A 189 10.94 17.78 -18.24
CA TYR A 189 11.49 17.03 -17.12
C TYR A 189 12.49 17.76 -16.24
N THR A 190 13.28 18.69 -16.83
CA THR A 190 14.31 19.37 -16.05
C THR A 190 13.99 20.82 -15.75
N THR A 191 12.71 21.23 -15.85
CA THR A 191 12.33 22.59 -15.50
C THR A 191 11.26 22.61 -14.41
N ASP A 192 11.26 23.66 -13.60
CA ASP A 192 10.24 23.89 -12.59
C ASP A 192 9.12 24.82 -13.12
N ARG A 193 9.25 25.32 -14.37
CA ARG A 193 8.26 26.21 -14.96
C ARG A 193 7.00 25.49 -15.44
N VAL A 194 7.04 24.15 -15.49
CA VAL A 194 5.89 23.34 -15.83
C VAL A 194 5.87 22.20 -14.84
N MET A 195 4.72 21.95 -14.23
CA MET A 195 4.56 20.77 -13.39
C MET A 195 3.67 19.82 -14.21
N THR A 196 4.08 18.57 -14.40
CA THR A 196 3.29 17.60 -15.15
C THR A 196 2.71 16.59 -14.18
N VAL A 197 1.40 16.33 -14.25
CA VAL A 197 0.74 15.40 -13.34
C VAL A 197 -0.04 14.40 -14.19
N SER A 198 0.35 13.12 -14.18
CA SER A 198 -0.30 12.12 -15.01
C SER A 198 -0.87 10.98 -14.16
N PHE A 199 -2.13 10.62 -14.43
CA PHE A 199 -2.85 9.52 -13.78
C PHE A 199 -3.01 8.50 -14.89
N HIS A 200 -2.45 7.30 -14.74
CA HIS A 200 -2.47 6.36 -15.85
C HIS A 200 -2.32 4.93 -15.44
N LYS A 201 -2.70 4.02 -16.33
CA LYS A 201 -2.47 2.61 -16.12
C LYS A 201 -0.96 2.38 -16.23
N TYR A 202 -0.40 1.64 -15.26
CA TYR A 202 1.03 1.36 -15.23
C TYR A 202 1.23 -0.11 -14.93
N GLY A 203 2.01 -0.76 -15.79
CA GLY A 203 2.34 -2.18 -15.64
C GLY A 203 2.00 -2.96 -16.89
N GLU A 204 3.01 -3.39 -17.66
CA GLU A 204 2.79 -4.14 -18.93
C GLU A 204 1.81 -3.37 -19.83
N TYR A 205 2.07 -2.05 -19.97
CA TYR A 205 1.15 -1.22 -20.70
C TYR A 205 1.87 -0.08 -21.38
N PHE A 206 1.39 0.29 -22.56
CA PHE A 206 1.97 1.37 -23.34
C PHE A 206 1.86 2.70 -22.58
N PRO A 207 2.88 3.57 -22.59
CA PRO A 207 4.17 3.44 -23.26
C PRO A 207 5.28 2.85 -22.39
N GLY A 208 4.96 2.42 -21.17
CA GLY A 208 5.93 1.78 -20.27
C GLY A 208 6.57 2.66 -19.23
N THR A 209 6.32 3.94 -19.31
CA THR A 209 6.87 4.94 -18.39
C THR A 209 5.79 5.41 -17.39
N GLY A 210 6.18 6.29 -16.47
CA GLY A 210 5.24 6.83 -15.50
C GLY A 210 5.23 6.10 -14.17
N ASP A 211 6.40 5.62 -13.74
CA ASP A 211 6.51 5.00 -12.43
C ASP A 211 6.33 6.10 -11.39
N LEU A 212 5.81 5.73 -10.24
CA LEU A 212 5.64 6.58 -9.07
C LEU A 212 6.99 7.31 -8.72
N ARG A 213 8.10 6.64 -8.95
CA ARG A 213 9.43 7.15 -8.64
C ARG A 213 10.03 8.08 -9.70
N ASP A 214 9.32 8.33 -10.81
CA ASP A 214 9.79 9.28 -11.82
C ASP A 214 9.23 10.63 -11.37
N ILE A 215 10.10 11.45 -10.76
CA ILE A 215 9.69 12.70 -10.17
C ILE A 215 10.37 13.94 -10.75
N GLY A 216 11.11 13.79 -11.84
CA GLY A 216 11.82 14.93 -12.42
C GLY A 216 13.30 14.86 -12.13
N ALA A 217 14.06 15.78 -12.73
CA ALA A 217 15.51 15.81 -12.53
C ALA A 217 16.02 17.25 -12.57
N GLY A 218 17.15 17.50 -11.89
CA GLY A 218 17.73 18.84 -11.83
C GLY A 218 16.77 19.85 -11.24
N LYS A 219 16.61 21.02 -11.89
CA LYS A 219 15.65 22.02 -11.42
C LYS A 219 14.19 21.49 -11.45
N GLY A 220 13.94 20.46 -12.26
CA GLY A 220 12.63 19.85 -12.36
C GLY A 220 12.35 18.78 -11.33
N LYS A 221 13.29 18.51 -10.38
CA LYS A 221 13.04 17.47 -9.37
C LYS A 221 11.86 17.90 -8.50
N TYR A 222 10.85 17.01 -8.39
CA TYR A 222 9.58 17.19 -7.69
C TYR A 222 8.53 17.90 -8.56
N TYR A 223 8.86 18.21 -9.83
CA TYR A 223 7.90 18.88 -10.71
C TYR A 223 7.28 17.94 -11.74
N ALA A 224 7.48 16.63 -11.60
CA ALA A 224 6.83 15.61 -12.42
C ALA A 224 6.17 14.68 -11.38
N VAL A 225 4.86 14.44 -11.53
CA VAL A 225 4.05 13.63 -10.63
C VAL A 225 3.36 12.54 -11.45
N ASN A 226 3.50 11.29 -11.01
CA ASN A 226 2.92 10.14 -11.67
C ASN A 226 2.10 9.31 -10.69
N PHE A 227 0.85 9.04 -11.02
CA PHE A 227 -0.03 8.20 -10.20
C PHE A 227 -0.29 6.92 -10.99
N PRO A 228 0.51 5.88 -10.74
CA PRO A 228 0.32 4.61 -11.46
C PRO A 228 -0.89 3.84 -10.95
N MET A 229 -1.71 3.32 -11.88
CA MET A 229 -2.92 2.62 -11.57
C MET A 229 -2.98 1.24 -12.24
N ARG A 230 -3.81 0.38 -11.67
CA ARG A 230 -4.08 -0.96 -12.18
C ARG A 230 -5.38 -0.97 -12.97
N ASP A 231 -5.71 -2.13 -13.58
CA ASP A 231 -6.95 -2.25 -14.33
C ASP A 231 -8.17 -2.00 -13.47
N GLY A 232 -9.21 -1.54 -14.13
CA GLY A 232 -10.52 -1.44 -13.54
C GLY A 232 -10.85 -0.30 -12.63
N ILE A 233 -10.03 0.77 -12.64
CA ILE A 233 -10.35 1.89 -11.77
C ILE A 233 -11.74 2.46 -12.05
N ASP A 234 -12.47 2.75 -11.02
CA ASP A 234 -13.83 3.23 -11.12
C ASP A 234 -13.99 4.66 -10.63
N ASP A 235 -15.18 5.25 -10.75
CA ASP A 235 -15.43 6.61 -10.32
C ASP A 235 -15.08 6.81 -8.84
N GLU A 236 -15.35 5.79 -8.01
CA GLU A 236 -15.08 5.87 -6.58
C GLU A 236 -13.61 5.97 -6.29
N SER A 237 -12.80 5.11 -6.91
CA SER A 237 -11.36 5.13 -6.70
C SER A 237 -10.76 6.43 -7.19
N TYR A 238 -11.16 6.89 -8.39
CA TYR A 238 -10.64 8.13 -8.95
C TYR A 238 -11.01 9.32 -8.05
N GLY A 239 -12.21 9.28 -7.48
CA GLY A 239 -12.72 10.28 -6.55
C GLY A 239 -11.97 10.30 -5.22
N GLN A 240 -11.41 9.16 -4.79
CA GLN A 240 -10.63 9.14 -3.53
C GLN A 240 -9.38 10.03 -3.66
N ILE A 241 -8.82 10.16 -4.88
CA ILE A 241 -7.54 10.80 -5.02
C ILE A 241 -7.44 12.03 -5.91
N PHE A 242 -8.32 12.24 -6.90
CA PHE A 242 -8.12 13.34 -7.84
C PHE A 242 -8.18 14.72 -7.19
N LYS A 243 -9.29 15.06 -6.56
CA LYS A 243 -9.40 16.38 -5.91
C LYS A 243 -8.32 16.58 -4.82
N PRO A 244 -8.08 15.62 -3.90
CA PRO A 244 -7.02 15.87 -2.90
C PRO A 244 -5.65 16.12 -3.55
N ILE A 245 -5.28 15.36 -4.59
CA ILE A 245 -3.96 15.59 -5.22
C ILE A 245 -3.92 16.91 -5.96
N ILE A 246 -4.93 17.22 -6.77
CA ILE A 246 -4.92 18.50 -7.50
C ILE A 246 -4.96 19.69 -6.53
N SER A 247 -5.71 19.57 -5.44
CA SER A 247 -5.77 20.65 -4.44
C SER A 247 -4.40 20.90 -3.83
N LYS A 248 -3.68 19.82 -3.51
CA LYS A 248 -2.36 19.95 -2.92
C LYS A 248 -1.37 20.54 -3.92
N VAL A 249 -1.46 20.09 -5.19
CA VAL A 249 -0.61 20.63 -6.25
C VAL A 249 -0.90 22.12 -6.44
N MET A 250 -2.16 22.54 -6.47
CA MET A 250 -2.51 23.95 -6.63
C MET A 250 -1.94 24.79 -5.46
N GLU A 251 -2.08 24.26 -4.24
CA GLU A 251 -1.60 24.93 -3.02
C GLU A 251 -0.09 25.12 -3.06
N MET A 252 0.67 24.06 -3.40
CA MET A 252 2.12 24.12 -3.39
C MET A 252 2.73 24.80 -4.59
N TYR A 253 2.20 24.52 -5.79
CA TYR A 253 2.78 25.02 -7.02
C TYR A 253 2.27 26.38 -7.44
N GLN A 254 1.03 26.71 -7.09
CA GLN A 254 0.43 28.02 -7.43
C GLN A 254 0.60 28.40 -8.90
N PRO A 255 0.13 27.55 -9.83
CA PRO A 255 0.29 27.87 -11.25
C PRO A 255 -0.59 29.05 -11.66
N SER A 256 -0.23 29.71 -12.75
CA SER A 256 -1.08 30.81 -13.25
C SER A 256 -1.87 30.42 -14.50
N ALA A 257 -1.63 29.21 -15.05
CA ALA A 257 -2.37 28.67 -16.19
C ALA A 257 -2.32 27.16 -16.05
N VAL A 258 -3.37 26.51 -16.60
CA VAL A 258 -3.50 25.05 -16.52
C VAL A 258 -3.86 24.47 -17.89
N VAL A 259 -3.28 23.32 -18.20
CA VAL A 259 -3.59 22.56 -19.40
C VAL A 259 -4.10 21.21 -18.90
N LEU A 260 -5.32 20.82 -19.31
CA LEU A 260 -5.93 19.56 -18.90
C LEU A 260 -6.17 18.69 -20.13
N GLN A 261 -5.46 17.57 -20.21
CA GLN A 261 -5.61 16.58 -21.28
C GLN A 261 -6.72 15.62 -20.79
N CYS A 262 -7.81 15.52 -21.58
CA CYS A 262 -9.02 14.78 -21.24
C CYS A 262 -9.18 13.53 -22.07
N GLY A 263 -8.11 12.79 -22.30
CA GLY A 263 -8.17 11.55 -23.08
C GLY A 263 -9.25 10.63 -22.57
N ALA A 264 -10.14 10.21 -23.48
CA ALA A 264 -11.32 9.42 -23.16
C ALA A 264 -11.10 7.92 -23.20
N ASP A 265 -9.85 7.48 -23.36
CA ASP A 265 -9.53 6.05 -23.31
C ASP A 265 -9.50 5.51 -21.87
N SER A 266 -9.72 6.37 -20.88
CA SER A 266 -9.85 6.00 -19.47
C SER A 266 -11.34 5.68 -19.14
N LEU A 267 -12.27 5.74 -20.12
CA LEU A 267 -13.65 5.37 -19.88
C LEU A 267 -13.87 3.88 -19.94
N SER A 268 -14.87 3.45 -19.18
CA SER A 268 -15.40 2.09 -19.22
C SER A 268 -15.78 1.72 -20.68
N GLY A 269 -15.46 0.51 -21.08
CA GLY A 269 -15.81 0.03 -22.40
C GLY A 269 -14.93 0.49 -23.53
N ASP A 270 -13.81 1.15 -23.25
CA ASP A 270 -12.89 1.58 -24.31
C ASP A 270 -12.29 0.38 -25.02
N ARG A 271 -12.16 0.44 -26.36
CA ARG A 271 -11.59 -0.69 -27.10
C ARG A 271 -10.16 -1.01 -26.74
N LEU A 272 -9.35 -0.02 -26.39
CA LEU A 272 -7.95 -0.25 -26.03
CA LEU A 272 -7.95 -0.23 -26.05
C LEU A 272 -7.68 -0.18 -24.54
N GLY A 273 -8.43 0.64 -23.83
CA GLY A 273 -8.26 0.83 -22.40
C GLY A 273 -8.79 -0.27 -21.52
N CYS A 274 -8.45 -0.21 -20.24
CA CYS A 274 -8.83 -1.19 -19.25
C CYS A 274 -9.32 -0.53 -17.96
N PHE A 275 -9.84 0.71 -18.02
CA PHE A 275 -10.38 1.39 -16.88
C PHE A 275 -11.90 1.28 -16.92
N ASN A 276 -12.56 1.76 -15.86
CA ASN A 276 -14.00 1.64 -15.72
C ASN A 276 -14.68 2.92 -15.25
N LEU A 277 -14.20 4.07 -15.73
CA LEU A 277 -14.82 5.34 -15.39
C LEU A 277 -16.08 5.59 -16.22
N THR A 278 -17.04 6.30 -15.67
CA THR A 278 -18.21 6.71 -16.43
C THR A 278 -17.88 8.12 -16.99
N VAL A 279 -18.76 8.67 -17.85
CA VAL A 279 -18.57 10.02 -18.34
C VAL A 279 -18.67 11.01 -17.15
N LYS A 280 -19.57 10.76 -16.19
CA LYS A 280 -19.67 11.64 -15.01
C LYS A 280 -18.37 11.60 -14.19
N GLY A 281 -17.80 10.41 -14.02
CA GLY A 281 -16.57 10.27 -13.26
C GLY A 281 -15.39 10.96 -13.93
N HIS A 282 -15.30 10.83 -15.25
CA HIS A 282 -14.24 11.46 -16.01
C HIS A 282 -14.44 13.00 -15.94
N ALA A 283 -15.67 13.47 -16.13
CA ALA A 283 -15.99 14.90 -16.15
C ALA A 283 -15.83 15.55 -14.81
N LYS A 284 -15.91 14.77 -13.70
CA LYS A 284 -15.67 15.32 -12.38
C LYS A 284 -14.25 15.94 -12.31
N CYS A 285 -13.30 15.41 -13.10
CA CYS A 285 -11.95 15.97 -13.16
C CYS A 285 -11.97 17.37 -13.73
N VAL A 286 -12.77 17.58 -14.79
CA VAL A 286 -12.91 18.91 -15.41
C VAL A 286 -13.54 19.85 -14.39
N GLU A 287 -14.58 19.39 -13.67
CA GLU A 287 -15.21 20.22 -12.64
C GLU A 287 -14.18 20.63 -11.56
N VAL A 288 -13.38 19.68 -11.08
CA VAL A 288 -12.38 19.98 -10.06
C VAL A 288 -11.38 21.03 -10.53
N VAL A 289 -10.86 20.88 -11.74
CA VAL A 289 -9.84 21.81 -12.24
C VAL A 289 -10.43 23.18 -12.52
N LYS A 290 -11.61 23.20 -13.17
CA LYS A 290 -12.29 24.45 -13.50
C LYS A 290 -12.58 25.28 -12.25
N THR A 291 -12.84 24.62 -11.12
CA THR A 291 -13.15 25.29 -9.87
C THR A 291 -12.05 26.25 -9.39
N PHE A 292 -10.77 25.97 -9.69
CA PHE A 292 -9.67 26.84 -9.28
C PHE A 292 -9.66 28.20 -9.97
N ASN A 293 -10.52 28.40 -10.98
CA ASN A 293 -10.66 29.67 -11.67
C ASN A 293 -9.36 30.21 -12.26
N LEU A 294 -8.61 29.35 -12.91
CA LEU A 294 -7.39 29.75 -13.58
C LEU A 294 -7.58 29.59 -15.08
N PRO A 295 -6.84 30.36 -15.90
CA PRO A 295 -6.87 30.17 -17.37
C PRO A 295 -6.65 28.69 -17.69
N LEU A 296 -7.57 28.09 -18.46
CA LEU A 296 -7.53 26.66 -18.67
C LEU A 296 -7.69 26.25 -20.12
N LEU A 297 -6.76 25.44 -20.59
CA LEU A 297 -6.79 24.89 -21.94
C LEU A 297 -7.18 23.41 -21.79
N MET A 298 -8.32 23.01 -22.34
CA MET A 298 -8.85 21.64 -22.29
C MET A 298 -8.61 20.99 -23.62
N LEU A 299 -7.95 19.83 -23.62
CA LEU A 299 -7.59 19.13 -24.84
C LEU A 299 -8.12 17.71 -24.84
N GLY A 300 -8.18 17.13 -26.03
CA GLY A 300 -8.61 15.76 -26.21
C GLY A 300 -7.50 14.78 -25.89
N GLY A 301 -7.50 13.64 -26.58
CA GLY A 301 -6.51 12.60 -26.35
C GLY A 301 -6.99 11.30 -26.92
N GLY A 302 -6.68 10.19 -26.26
CA GLY A 302 -7.13 8.90 -26.75
C GLY A 302 -8.63 8.72 -26.59
N GLY A 303 -9.11 7.56 -27.01
CA GLY A 303 -10.53 7.23 -26.91
C GLY A 303 -10.91 6.48 -28.19
N TYR A 304 -11.32 5.22 -28.01
CA TYR A 304 -11.48 4.28 -29.10
C TYR A 304 -12.87 3.66 -29.25
N THR A 305 -13.78 3.87 -28.32
CA THR A 305 -15.20 3.45 -28.49
C THR A 305 -15.81 4.81 -28.78
N ILE A 306 -15.92 5.12 -30.06
CA ILE A 306 -16.18 6.50 -30.47
C ILE A 306 -17.51 7.09 -30.03
N ARG A 307 -18.56 6.28 -29.85
CA ARG A 307 -19.81 6.83 -29.30
C ARG A 307 -19.56 7.38 -27.87
N ASN A 308 -18.67 6.72 -27.09
CA ASN A 308 -18.38 7.16 -25.73
C ASN A 308 -17.47 8.36 -25.71
N VAL A 309 -16.58 8.48 -26.68
CA VAL A 309 -15.72 9.67 -26.79
C VAL A 309 -16.62 10.89 -27.06
N ALA A 310 -17.58 10.76 -28.00
CA ALA A 310 -18.47 11.88 -28.32
C ALA A 310 -19.31 12.26 -27.11
N ARG A 311 -19.81 11.27 -26.37
CA ARG A 311 -20.57 11.56 -25.15
C ARG A 311 -19.70 12.31 -24.14
N CYS A 312 -18.48 11.81 -23.91
CA CYS A 312 -17.58 12.36 -22.91
C CYS A 312 -17.25 13.82 -23.18
N TRP A 313 -16.80 14.09 -24.39
CA TRP A 313 -16.38 15.44 -24.73
C TRP A 313 -17.53 16.39 -24.90
N THR A 314 -18.73 15.89 -25.27
CA THR A 314 -19.90 16.76 -25.30
C THR A 314 -20.24 17.17 -23.85
N TYR A 315 -20.25 16.20 -22.93
CA TYR A 315 -20.56 16.49 -21.54
C TYR A 315 -19.51 17.39 -20.92
N GLU A 316 -18.23 17.21 -21.24
CA GLU A 316 -17.19 18.05 -20.67
C GLU A 316 -17.25 19.47 -21.24
N THR A 317 -17.78 19.64 -22.48
CA THR A 317 -17.97 20.98 -23.02
C THR A 317 -19.12 21.64 -22.21
N ALA A 318 -20.20 20.89 -21.93
CA ALA A 318 -21.31 21.41 -21.12
C ALA A 318 -20.80 21.77 -19.71
N VAL A 319 -19.91 20.95 -19.13
CA VAL A 319 -19.32 21.26 -17.82
C VAL A 319 -18.53 22.57 -17.91
N ALA A 320 -17.71 22.77 -18.94
CA ALA A 320 -16.96 24.01 -19.10
C ALA A 320 -17.88 25.23 -19.16
N LEU A 321 -19.06 25.07 -19.77
CA LEU A 321 -20.04 26.14 -19.92
C LEU A 321 -20.98 26.27 -18.74
N ASP A 322 -20.93 25.39 -17.72
CA ASP A 322 -21.87 25.40 -16.58
C ASP A 322 -23.30 25.28 -17.15
N CYS A 323 -23.48 24.41 -18.16
CA CYS A 323 -24.75 24.23 -18.83
CA CYS A 323 -24.74 24.21 -18.84
C CYS A 323 -25.26 22.81 -18.61
N GLU A 324 -26.44 22.68 -18.01
CA GLU A 324 -27.02 21.36 -17.80
C GLU A 324 -27.62 20.92 -19.12
N ILE A 325 -27.40 19.66 -19.48
CA ILE A 325 -27.95 19.09 -20.71
C ILE A 325 -28.66 17.78 -20.36
N PRO A 326 -29.78 17.48 -21.04
CA PRO A 326 -30.51 16.25 -20.73
C PRO A 326 -29.80 14.96 -21.08
N ASN A 327 -30.10 13.90 -20.35
CA ASN A 327 -29.53 12.58 -20.62
C ASN A 327 -30.09 12.02 -21.96
N GLU A 328 -31.32 12.37 -22.32
CA GLU A 328 -31.89 11.91 -23.59
C GLU A 328 -31.11 12.63 -24.71
N LEU A 329 -30.46 11.85 -25.61
CA LEU A 329 -29.69 12.48 -26.66
C LEU A 329 -30.59 13.15 -27.68
N PRO A 330 -30.20 14.32 -28.15
CA PRO A 330 -30.96 14.94 -29.24
C PRO A 330 -30.66 14.17 -30.52
N TYR A 331 -31.57 14.28 -31.51
CA TYR A 331 -31.30 13.70 -32.82
C TYR A 331 -30.03 14.37 -33.42
N ASN A 332 -29.24 13.63 -34.16
CA ASN A 332 -27.99 14.13 -34.70
C ASN A 332 -27.58 13.25 -35.88
N ASP A 333 -26.56 13.64 -36.61
CA ASP A 333 -26.11 12.92 -37.80
C ASP A 333 -25.59 11.53 -37.56
N TYR A 334 -25.28 11.22 -36.31
CA TYR A 334 -24.72 9.93 -35.94
C TYR A 334 -25.58 9.24 -34.91
N PHE A 335 -26.90 9.55 -34.87
CA PHE A 335 -27.78 9.03 -33.85
C PHE A 335 -27.70 7.53 -33.64
N GLU A 336 -27.62 6.78 -34.74
CA GLU A 336 -27.55 5.32 -34.65
C GLU A 336 -26.34 4.78 -33.93
N TYR A 337 -25.26 5.56 -33.86
CA TYR A 337 -24.06 5.11 -33.14
C TYR A 337 -24.31 5.03 -31.63
N PHE A 338 -25.35 5.69 -31.12
CA PHE A 338 -25.64 5.77 -29.70
C PHE A 338 -26.69 4.80 -29.18
N GLY A 339 -27.09 3.85 -30.04
CA GLY A 339 -27.99 2.81 -29.62
C GLY A 339 -27.26 1.84 -28.70
N PRO A 340 -28.00 0.98 -28.00
CA PRO A 340 -29.47 0.82 -28.07
C PRO A 340 -30.24 1.77 -27.16
N ASP A 341 -29.55 2.52 -26.31
CA ASP A 341 -30.17 3.39 -25.32
C ASP A 341 -30.43 4.85 -25.74
N PHE A 342 -29.56 5.41 -26.59
CA PHE A 342 -29.68 6.79 -27.04
C PHE A 342 -29.64 7.79 -25.88
N LYS A 343 -28.81 7.48 -24.88
CA LYS A 343 -28.59 8.37 -23.73
C LYS A 343 -27.16 8.88 -23.73
N LEU A 344 -26.93 9.97 -23.03
CA LEU A 344 -25.61 10.60 -22.91
C LEU A 344 -24.71 9.86 -21.94
N HIS A 345 -25.23 9.50 -20.78
CA HIS A 345 -24.42 8.88 -19.74
C HIS A 345 -24.30 7.38 -19.88
N ILE A 346 -23.19 6.85 -19.37
CA ILE A 346 -22.89 5.45 -19.48
C ILE A 346 -22.80 4.79 -18.10
N SER A 347 -22.94 3.47 -18.10
CA SER A 347 -22.86 2.67 -16.89
C SER A 347 -21.51 1.98 -16.84
N PRO A 348 -20.93 1.80 -15.64
CA PRO A 348 -19.67 1.06 -15.56
C PRO A 348 -19.95 -0.43 -15.82
N SER A 349 -18.92 -1.14 -16.21
CA SER A 349 -19.02 -2.57 -16.42
C SER A 349 -18.83 -3.30 -15.06
N ASN A 350 -18.93 -4.65 -15.08
CA ASN A 350 -18.72 -5.42 -13.86
C ASN A 350 -17.26 -5.84 -13.67
N MET A 351 -16.31 -5.27 -14.45
CA MET A 351 -14.91 -5.65 -14.32
C MET A 351 -14.36 -5.36 -12.93
N THR A 352 -13.45 -6.23 -12.48
CA THR A 352 -12.87 -6.07 -11.17
C THR A 352 -11.97 -4.84 -11.13
N ASN A 353 -12.10 -4.08 -10.07
CA ASN A 353 -11.23 -2.94 -9.85
C ASN A 353 -10.01 -3.46 -9.08
N GLN A 354 -8.88 -3.59 -9.74
CA GLN A 354 -7.66 -4.05 -9.06
CA GLN A 354 -7.65 -4.06 -9.09
C GLN A 354 -7.01 -3.02 -8.16
N ASN A 355 -7.47 -1.77 -8.19
CA ASN A 355 -6.96 -0.70 -7.35
C ASN A 355 -7.71 -0.69 -6.06
N THR A 356 -7.15 -1.39 -5.05
CA THR A 356 -7.84 -1.42 -3.76
C THR A 356 -7.90 -0.03 -3.15
N PRO A 357 -8.85 0.23 -2.26
CA PRO A 357 -8.88 1.53 -1.60
C PRO A 357 -7.56 1.80 -0.83
N GLU A 358 -6.93 0.74 -0.28
CA GLU A 358 -5.67 0.89 0.46
C GLU A 358 -4.55 1.31 -0.48
N TYR A 359 -4.52 0.72 -1.68
CA TYR A 359 -3.50 1.07 -2.67
C TYR A 359 -3.66 2.53 -3.08
N MET A 360 -4.90 2.98 -3.29
CA MET A 360 -5.15 4.36 -3.71
C MET A 360 -4.65 5.35 -2.65
N GLU A 361 -4.95 5.07 -1.39
CA GLU A 361 -4.51 5.95 -0.32
C GLU A 361 -3.01 5.92 -0.15
N LYS A 362 -2.40 4.74 -0.32
CA LYS A 362 -0.96 4.62 -0.17
C LYS A 362 -0.19 5.40 -1.25
N ILE A 363 -0.62 5.28 -2.51
CA ILE A 363 0.04 6.03 -3.59
C ILE A 363 -0.15 7.53 -3.37
N LYS A 364 -1.38 7.94 -2.95
CA LYS A 364 -1.64 9.35 -2.66
C LYS A 364 -0.69 9.86 -1.56
N GLN A 365 -0.48 9.05 -0.51
CA GLN A 365 0.42 9.45 0.57
C GLN A 365 1.86 9.60 0.09
N ARG A 366 2.33 8.73 -0.81
CA ARG A 366 3.69 8.86 -1.35
C ARG A 366 3.81 10.13 -2.19
N LEU A 367 2.78 10.46 -2.98
CA LEU A 367 2.79 11.69 -3.77
C LEU A 367 2.75 12.92 -2.86
N PHE A 368 1.99 12.88 -1.77
CA PHE A 368 1.93 14.00 -0.83
C PHE A 368 3.32 14.23 -0.21
N GLU A 369 4.09 13.15 0.05
CA GLU A 369 5.46 13.30 0.60
CA GLU A 369 5.44 13.34 0.61
C GLU A 369 6.33 14.09 -0.39
N ASN A 370 6.21 13.78 -1.69
CA ASN A 370 6.98 14.47 -2.71
C ASN A 370 6.53 15.91 -2.83
N LEU A 371 5.24 16.19 -2.72
CA LEU A 371 4.73 17.55 -2.81
C LEU A 371 5.23 18.42 -1.63
N ARG A 372 5.51 17.81 -0.47
CA ARG A 372 6.07 18.55 0.66
C ARG A 372 7.46 19.11 0.33
N MET A 373 8.13 18.55 -0.68
CA MET A 373 9.46 18.98 -1.08
C MET A 373 9.49 20.21 -1.98
N LEU A 374 8.33 20.74 -2.38
CA LEU A 374 8.30 21.96 -3.19
C LEU A 374 8.62 23.17 -2.30
N PRO A 375 9.23 24.25 -2.85
CA PRO A 375 9.55 25.42 -2.01
C PRO A 375 8.32 26.24 -1.61
N LYS B 10 30.22 -13.76 2.02
CA LYS B 10 29.84 -14.97 1.30
C LYS B 10 29.07 -14.68 0.00
N LYS B 11 29.43 -15.36 -1.08
CA LYS B 11 28.84 -15.20 -2.40
C LYS B 11 27.48 -15.89 -2.51
N VAL B 12 26.51 -15.21 -3.13
CA VAL B 12 25.18 -15.75 -3.34
C VAL B 12 24.79 -15.77 -4.82
N CYS B 13 24.39 -16.94 -5.32
CA CYS B 13 23.86 -17.03 -6.66
C CYS B 13 22.36 -17.40 -6.55
N TYR B 14 21.58 -17.00 -7.51
CA TYR B 14 20.13 -17.13 -7.43
C TYR B 14 19.60 -17.48 -8.81
N TYR B 15 18.65 -18.41 -8.88
CA TYR B 15 18.09 -18.89 -10.13
C TYR B 15 16.68 -18.50 -10.31
N TYR B 16 16.33 -17.99 -11.50
CA TYR B 16 14.99 -17.59 -11.81
C TYR B 16 14.77 -17.60 -13.32
N ASP B 17 13.63 -18.14 -13.75
CA ASP B 17 13.25 -18.09 -15.15
C ASP B 17 11.94 -17.30 -15.20
N GLY B 18 11.90 -16.25 -16.02
CA GLY B 18 10.72 -15.41 -16.17
C GLY B 18 9.42 -16.09 -16.60
N ASP B 19 9.48 -17.33 -17.13
CA ASP B 19 8.26 -18.03 -17.51
C ASP B 19 7.60 -18.71 -16.29
N ILE B 20 8.35 -18.90 -15.17
CA ILE B 20 7.87 -19.70 -14.07
C ILE B 20 6.53 -19.24 -13.51
N GLY B 21 6.31 -17.94 -13.45
CA GLY B 21 5.08 -17.42 -12.88
C GLY B 21 3.85 -17.59 -13.75
N ASN B 22 4.04 -18.01 -15.01
CA ASN B 22 2.91 -18.19 -15.92
C ASN B 22 2.27 -19.56 -15.89
N TYR B 23 2.92 -20.55 -15.25
CA TYR B 23 2.36 -21.90 -15.17
C TYR B 23 1.17 -21.84 -14.23
N TYR B 24 0.07 -22.44 -14.64
CA TYR B 24 -1.16 -22.35 -13.91
C TYR B 24 -1.75 -23.69 -13.59
N TYR B 25 -1.93 -23.99 -12.32
CA TYR B 25 -2.46 -25.27 -11.89
C TYR B 25 -3.97 -25.43 -12.11
N GLY B 26 -4.68 -24.36 -12.42
CA GLY B 26 -6.12 -24.46 -12.67
C GLY B 26 -6.93 -23.67 -11.67
N GLN B 27 -8.17 -23.35 -12.03
CA GLN B 27 -9.05 -22.58 -11.17
C GLN B 27 -9.24 -23.20 -9.80
N GLY B 28 -9.00 -22.40 -8.78
CA GLY B 28 -9.17 -22.82 -7.40
C GLY B 28 -8.01 -23.59 -6.80
N HIS B 29 -7.03 -24.04 -7.61
CA HIS B 29 -5.90 -24.81 -7.07
C HIS B 29 -5.05 -23.86 -6.24
N PRO B 30 -4.74 -24.22 -4.98
CA PRO B 30 -3.99 -23.28 -4.13
C PRO B 30 -2.54 -23.00 -4.54
N MET B 31 -1.91 -23.86 -5.32
CA MET B 31 -0.51 -23.62 -5.72
C MET B 31 -0.48 -22.60 -6.84
N LYS B 32 0.23 -21.49 -6.60
CA LYS B 32 0.30 -20.36 -7.50
C LYS B 32 1.74 -20.02 -7.83
N PRO B 33 2.29 -20.54 -8.93
CA PRO B 33 3.68 -20.23 -9.32
C PRO B 33 3.96 -18.73 -9.46
N HIS B 34 2.93 -17.92 -9.68
CA HIS B 34 3.08 -16.46 -9.74
C HIS B 34 3.72 -15.91 -8.45
N ARG B 35 3.61 -16.62 -7.30
CA ARG B 35 4.26 -16.16 -6.07
C ARG B 35 5.79 -16.05 -6.26
N ILE B 36 6.38 -16.88 -7.16
CA ILE B 36 7.83 -16.81 -7.40
C ILE B 36 8.19 -15.53 -8.15
N ARG B 37 7.34 -15.12 -9.09
CA ARG B 37 7.53 -13.88 -9.80
C ARG B 37 7.32 -12.68 -8.85
N MET B 38 6.36 -12.76 -7.93
CA MET B 38 6.16 -11.67 -6.95
C MET B 38 7.42 -11.51 -6.09
N THR B 39 8.02 -12.66 -5.69
CA THR B 39 9.24 -12.63 -4.88
C THR B 39 10.36 -11.97 -5.68
N HIS B 40 10.53 -12.40 -6.93
CA HIS B 40 11.59 -11.85 -7.79
C HIS B 40 11.44 -10.34 -7.97
N ASN B 41 10.22 -9.89 -8.23
CA ASN B 41 9.99 -8.47 -8.47
C ASN B 41 10.17 -7.63 -7.22
N LEU B 42 9.81 -8.19 -6.07
CA LEU B 42 9.99 -7.46 -4.82
C LEU B 42 11.49 -7.32 -4.53
N LEU B 43 12.26 -8.41 -4.69
N LEU B 43 12.28 -8.38 -4.79
CA LEU B 43 13.69 -8.32 -4.42
CA LEU B 43 13.75 -8.34 -4.64
C LEU B 43 14.40 -7.38 -5.48
C LEU B 43 14.36 -7.32 -5.51
N LEU B 44 13.89 -7.22 -6.75
CA LEU B 44 14.43 -6.24 -7.72
C LEU B 44 14.22 -4.84 -7.16
N ASN B 45 13.00 -4.59 -6.70
CA ASN B 45 12.62 -3.27 -6.23
C ASN B 45 13.27 -2.89 -4.92
N TYR B 46 13.74 -3.87 -4.12
CA TYR B 46 14.51 -3.58 -2.94
C TYR B 46 16.01 -3.31 -3.29
N GLY B 47 16.40 -3.50 -4.56
CA GLY B 47 17.77 -3.28 -5.02
C GLY B 47 18.71 -4.43 -4.70
N LEU B 48 18.18 -5.60 -4.36
CA LEU B 48 19.02 -6.72 -3.97
C LEU B 48 19.78 -7.40 -5.12
N TYR B 49 19.40 -7.15 -6.37
CA TYR B 49 20.11 -7.75 -7.53
CA TYR B 49 20.10 -7.76 -7.51
C TYR B 49 21.58 -7.33 -7.59
N ARG B 50 21.88 -6.12 -7.13
CA ARG B 50 23.24 -5.57 -7.16
C ARG B 50 24.27 -6.44 -6.44
N LYS B 51 23.81 -7.17 -5.43
CA LYS B 51 24.62 -7.98 -4.56
C LYS B 51 24.70 -9.45 -4.87
N MET B 52 23.98 -9.93 -5.87
CA MET B 52 24.05 -11.37 -6.14
CA MET B 52 23.98 -11.36 -6.16
C MET B 52 24.14 -11.69 -7.63
N GLU B 53 24.57 -12.91 -7.92
CA GLU B 53 24.70 -13.38 -9.29
C GLU B 53 23.35 -14.01 -9.63
N ILE B 54 22.64 -13.49 -10.61
CA ILE B 54 21.35 -14.00 -11.01
C ILE B 54 21.49 -14.75 -12.31
N TYR B 55 20.98 -15.97 -12.34
CA TYR B 55 21.04 -16.83 -13.52
C TYR B 55 19.69 -17.34 -13.89
N ARG B 56 19.47 -17.60 -15.18
CA ARG B 56 18.28 -18.26 -15.70
C ARG B 56 18.71 -19.74 -15.73
N PRO B 57 17.97 -20.61 -15.04
CA PRO B 57 18.32 -22.03 -15.06
C PRO B 57 18.13 -22.66 -16.43
N HIS B 58 18.88 -23.73 -16.70
CA HIS B 58 18.63 -24.52 -17.90
C HIS B 58 17.36 -25.37 -17.60
N LYS B 59 16.76 -25.92 -18.64
CA LYS B 59 15.66 -26.85 -18.49
C LYS B 59 16.30 -28.20 -18.23
N ALA B 60 16.12 -28.75 -17.01
CA ALA B 60 16.67 -30.06 -16.68
C ALA B 60 16.14 -31.12 -17.65
N THR B 61 17.04 -31.94 -18.17
CA THR B 61 16.63 -32.93 -19.16
C THR B 61 15.98 -34.16 -18.52
N ALA B 62 15.33 -35.02 -19.34
CA ALA B 62 14.79 -36.28 -18.87
C ALA B 62 15.93 -37.13 -18.28
N GLU B 63 17.12 -37.09 -18.88
CA GLU B 63 18.26 -37.84 -18.37
C GLU B 63 18.68 -37.35 -16.97
N GLU B 64 18.63 -36.03 -16.76
CA GLU B 64 18.94 -35.49 -15.43
C GLU B 64 17.87 -35.96 -14.43
N MET B 65 16.59 -35.97 -14.83
CA MET B 65 15.53 -36.36 -13.90
C MET B 65 15.54 -37.83 -13.56
N THR B 66 15.98 -38.68 -14.50
CA THR B 66 16.03 -40.11 -14.25
C THR B 66 17.23 -40.54 -13.42
N LYS B 67 18.06 -39.59 -12.93
CA LYS B 67 19.06 -39.92 -11.93
C LYS B 67 18.32 -40.39 -10.64
N TYR B 68 17.04 -40.00 -10.48
CA TYR B 68 16.22 -40.46 -9.38
C TYR B 68 14.92 -41.09 -9.88
N HIS B 69 14.13 -40.37 -10.66
CA HIS B 69 12.85 -40.85 -11.09
C HIS B 69 12.91 -41.98 -12.09
N SER B 70 11.85 -42.79 -12.13
CA SER B 70 11.83 -43.87 -13.10
C SER B 70 11.70 -43.32 -14.52
N ASP B 71 12.27 -44.04 -15.51
CA ASP B 71 12.18 -43.63 -16.90
C ASP B 71 10.73 -43.57 -17.35
N GLU B 72 9.89 -44.52 -16.90
CA GLU B 72 8.48 -44.54 -17.26
C GLU B 72 7.72 -43.31 -16.76
N TYR B 73 7.98 -42.91 -15.50
CA TYR B 73 7.31 -41.75 -14.93
C TYR B 73 7.72 -40.45 -15.66
N ILE B 74 9.03 -40.29 -15.93
CA ILE B 74 9.50 -39.10 -16.64
C ILE B 74 8.97 -39.06 -18.06
N LYS B 75 8.92 -40.22 -18.75
CA LYS B 75 8.35 -40.26 -20.11
C LYS B 75 6.89 -39.82 -20.09
N PHE B 76 6.15 -40.27 -19.06
CA PHE B 76 4.77 -39.85 -18.90
C PHE B 76 4.65 -38.31 -18.71
N LEU B 77 5.47 -37.73 -17.81
CA LEU B 77 5.41 -36.28 -17.60
C LEU B 77 5.75 -35.50 -18.85
N ARG B 78 6.68 -36.01 -19.66
CA ARG B 78 7.12 -35.36 -20.90
C ARG B 78 6.07 -35.51 -22.02
N SER B 79 5.11 -36.46 -21.90
CA SER B 79 4.10 -36.74 -22.93
C SER B 79 2.69 -36.24 -22.64
N ILE B 80 2.30 -36.19 -21.36
CA ILE B 80 0.94 -35.82 -20.98
C ILE B 80 0.61 -34.34 -21.19
N ARG B 81 -0.54 -34.08 -21.78
CA ARG B 81 -1.01 -32.71 -22.05
C ARG B 81 -2.51 -32.67 -21.84
N PRO B 82 -3.11 -31.50 -21.57
CA PRO B 82 -4.57 -31.43 -21.43
C PRO B 82 -5.32 -31.98 -22.66
N ASP B 83 -4.75 -31.84 -23.87
CA ASP B 83 -5.43 -32.33 -25.09
C ASP B 83 -5.29 -33.84 -25.37
N ASN B 84 -4.43 -34.56 -24.64
CA ASN B 84 -4.31 -36.01 -24.84
C ASN B 84 -4.59 -36.84 -23.57
N MET B 85 -5.00 -36.18 -22.47
CA MET B 85 -5.31 -36.77 -21.17
C MET B 85 -6.23 -37.97 -21.24
N SER B 86 -7.24 -37.90 -22.12
CA SER B 86 -8.20 -38.98 -22.29
C SER B 86 -7.53 -40.32 -22.64
N GLU B 87 -6.38 -40.28 -23.32
CA GLU B 87 -5.65 -41.50 -23.71
C GLU B 87 -4.72 -42.02 -22.61
N TYR B 88 -4.61 -41.30 -21.47
CA TYR B 88 -3.68 -41.70 -20.41
C TYR B 88 -4.31 -41.99 -19.06
N SER B 89 -5.59 -42.42 -19.01
CA SER B 89 -6.24 -42.71 -17.72
C SER B 89 -5.45 -43.70 -16.86
N LYS B 90 -4.92 -44.78 -17.45
CA LYS B 90 -4.18 -45.78 -16.70
C LYS B 90 -2.91 -45.20 -16.06
N GLN B 91 -2.11 -44.47 -16.86
CA GLN B 91 -0.88 -43.88 -16.35
C GLN B 91 -1.15 -42.77 -15.36
N MET B 92 -2.20 -41.96 -15.56
CA MET B 92 -2.55 -40.91 -14.61
C MET B 92 -2.87 -41.51 -13.23
N GLN B 93 -3.56 -42.66 -13.22
CA GLN B 93 -3.90 -43.35 -12.00
C GLN B 93 -2.64 -43.91 -11.34
N ARG B 94 -1.77 -44.54 -12.14
CA ARG B 94 -0.53 -45.13 -11.62
C ARG B 94 0.42 -44.08 -11.04
N PHE B 95 0.51 -42.94 -11.70
CA PHE B 95 1.45 -41.89 -11.30
C PHE B 95 0.85 -40.80 -10.41
N ASN B 96 -0.41 -40.96 -9.96
CA ASN B 96 -1.09 -40.06 -9.07
C ASN B 96 -1.27 -38.64 -9.61
N VAL B 97 -1.60 -38.55 -10.88
CA VAL B 97 -1.85 -37.26 -11.51
C VAL B 97 -3.39 -37.16 -11.54
N GLY B 98 -3.90 -36.16 -10.86
CA GLY B 98 -5.33 -35.92 -10.69
C GLY B 98 -5.59 -34.60 -10.00
N GLU B 99 -6.45 -34.60 -8.96
CA GLU B 99 -6.82 -33.37 -8.28
C GLU B 99 -5.63 -32.59 -7.74
N ASP B 100 -4.84 -33.17 -6.81
CA ASP B 100 -3.73 -32.41 -6.25
C ASP B 100 -2.66 -32.09 -7.27
N CYS B 101 -2.36 -33.03 -8.15
CA CYS B 101 -1.31 -32.86 -9.14
C CYS B 101 -1.93 -32.94 -10.52
N PRO B 102 -2.54 -31.82 -10.96
CA PRO B 102 -3.24 -31.85 -12.25
C PRO B 102 -2.36 -31.80 -13.47
N VAL B 103 -2.95 -32.07 -14.63
CA VAL B 103 -2.28 -31.91 -15.90
C VAL B 103 -2.58 -30.47 -16.29
N PHE B 104 -1.54 -29.70 -16.57
CA PHE B 104 -1.70 -28.33 -17.03
C PHE B 104 -0.75 -28.05 -18.18
N ASP B 105 -1.04 -27.02 -18.98
CA ASP B 105 -0.21 -26.63 -20.12
C ASP B 105 1.21 -26.33 -19.66
N GLY B 106 2.19 -26.94 -20.28
CA GLY B 106 3.59 -26.69 -19.93
C GLY B 106 4.07 -27.36 -18.68
N LEU B 107 3.31 -28.35 -18.15
CA LEU B 107 3.71 -29.10 -16.94
C LEU B 107 5.18 -29.54 -16.98
N PHE B 108 5.61 -30.17 -18.07
CA PHE B 108 6.97 -30.67 -18.15
C PHE B 108 8.00 -29.56 -18.05
N GLU B 109 7.79 -28.46 -18.79
CA GLU B 109 8.70 -27.33 -18.75
C GLU B 109 8.76 -26.72 -17.35
N PHE B 110 7.64 -26.66 -16.64
CA PHE B 110 7.60 -26.17 -15.27
C PHE B 110 8.51 -27.04 -14.39
N CYS B 111 8.43 -28.36 -14.55
CA CYS B 111 9.27 -29.31 -13.84
C CYS B 111 10.73 -29.10 -14.20
N GLN B 112 11.00 -28.90 -15.49
CA GLN B 112 12.36 -28.70 -15.96
C GLN B 112 13.03 -27.47 -15.37
N LEU B 113 12.26 -26.37 -15.28
CA LEU B 113 12.81 -25.11 -14.75
C LEU B 113 12.94 -25.13 -13.24
N SER B 114 11.96 -25.73 -12.56
CA SER B 114 12.04 -25.88 -11.09
C SER B 114 13.26 -26.74 -10.74
N THR B 115 13.44 -27.85 -11.47
CA THR B 115 14.54 -28.75 -11.23
C THR B 115 15.89 -28.16 -11.66
N GLY B 116 15.90 -27.50 -12.82
CA GLY B 116 17.10 -26.89 -13.35
C GLY B 116 17.80 -25.95 -12.39
N GLY B 117 17.01 -25.14 -11.67
CA GLY B 117 17.62 -24.22 -10.70
C GLY B 117 18.29 -24.92 -9.55
N SER B 118 17.70 -26.00 -9.08
CA SER B 118 18.26 -26.73 -7.93
C SER B 118 19.54 -27.48 -8.31
N VAL B 119 19.51 -28.18 -9.47
CA VAL B 119 20.68 -28.92 -9.91
CA VAL B 119 20.70 -28.92 -9.86
C VAL B 119 21.81 -27.95 -10.29
N ALA B 120 21.46 -26.82 -10.95
CA ALA B 120 22.50 -25.85 -11.32
C ALA B 120 23.15 -25.26 -10.07
N GLY B 121 22.33 -24.97 -9.05
CA GLY B 121 22.85 -24.45 -7.80
C GLY B 121 23.78 -25.43 -7.12
N ALA B 122 23.41 -26.72 -7.12
CA ALA B 122 24.24 -27.76 -6.53
C ALA B 122 25.60 -27.85 -7.30
N VAL B 123 25.57 -27.76 -8.62
CA VAL B 123 26.83 -27.80 -9.40
C VAL B 123 27.70 -26.60 -9.04
N LYS B 124 27.10 -25.42 -8.92
CA LYS B 124 27.83 -24.20 -8.55
C LYS B 124 28.51 -24.37 -7.20
N LEU B 125 27.80 -24.98 -6.24
CA LEU B 125 28.36 -25.24 -4.92
C LEU B 125 29.49 -26.27 -5.02
N ASN B 126 29.29 -27.34 -5.79
CA ASN B 126 30.34 -28.36 -5.95
C ASN B 126 31.61 -27.78 -6.56
N ARG B 127 31.46 -26.90 -7.53
CA ARG B 127 32.61 -26.26 -8.18
C ARG B 127 33.22 -25.15 -7.34
N GLN B 128 32.70 -24.89 -6.13
CA GLN B 128 33.18 -23.85 -5.23
C GLN B 128 33.15 -22.48 -5.89
N GLN B 129 32.14 -22.24 -6.72
CA GLN B 129 31.92 -20.98 -7.39
C GLN B 129 30.96 -20.07 -6.64
N THR B 130 30.37 -20.55 -5.54
CA THR B 130 29.47 -19.80 -4.69
C THR B 130 29.44 -20.44 -3.32
N ASP B 131 29.05 -19.68 -2.32
CA ASP B 131 28.88 -20.18 -0.97
C ASP B 131 27.40 -20.56 -0.74
N MET B 132 26.49 -19.85 -1.37
CA MET B 132 25.07 -20.11 -1.28
C MET B 132 24.47 -20.04 -2.66
N ALA B 133 23.51 -20.94 -2.91
CA ALA B 133 22.74 -20.92 -4.14
C ALA B 133 21.27 -20.94 -3.73
N VAL B 134 20.45 -20.15 -4.41
CA VAL B 134 19.04 -20.01 -4.11
C VAL B 134 18.16 -20.37 -5.28
N ASN B 135 17.15 -21.20 -5.08
CA ASN B 135 16.18 -21.53 -6.11
C ASN B 135 14.79 -21.55 -5.46
N TRP B 136 14.10 -20.42 -5.48
CA TRP B 136 12.75 -20.36 -4.88
C TRP B 136 11.73 -21.18 -5.62
N ALA B 137 11.96 -21.52 -6.90
CA ALA B 137 11.03 -22.38 -7.63
C ALA B 137 11.22 -23.88 -7.27
N GLY B 138 12.22 -24.21 -6.46
CA GLY B 138 12.46 -25.59 -6.05
C GLY B 138 11.87 -25.92 -4.69
N GLY B 139 12.34 -27.01 -4.11
CA GLY B 139 11.89 -27.47 -2.81
C GLY B 139 10.67 -28.37 -2.86
N LEU B 140 10.48 -29.11 -3.97
CA LEU B 140 9.27 -29.90 -4.18
C LEU B 140 9.40 -31.29 -3.55
N HIS B 141 9.41 -31.28 -2.23
CA HIS B 141 9.75 -32.43 -1.40
C HIS B 141 8.80 -33.61 -1.42
N HIS B 142 7.59 -33.48 -1.95
CA HIS B 142 6.62 -34.58 -1.92
C HIS B 142 6.74 -35.52 -3.09
N ALA B 143 7.38 -35.12 -4.19
CA ALA B 143 7.42 -36.02 -5.37
C ALA B 143 8.24 -37.27 -5.05
N LYS B 144 7.76 -38.40 -5.56
CA LYS B 144 8.38 -39.70 -5.30
C LYS B 144 9.03 -40.27 -6.56
N LYS B 145 9.75 -41.39 -6.43
CA LYS B 145 10.43 -41.98 -7.58
C LYS B 145 9.56 -42.15 -8.82
N SER B 146 8.34 -42.66 -8.64
CA SER B 146 7.43 -42.92 -9.73
CA SER B 146 7.45 -42.87 -9.76
C SER B 146 6.04 -42.40 -9.48
N GLU B 147 5.91 -41.28 -8.76
CA GLU B 147 4.59 -40.74 -8.53
C GLU B 147 4.62 -39.28 -8.09
N ALA B 148 3.64 -38.55 -8.55
CA ALA B 148 3.45 -37.16 -8.17
C ALA B 148 2.71 -37.16 -6.82
N SER B 149 2.86 -36.11 -6.01
CA SER B 149 2.15 -36.00 -4.75
C SER B 149 2.22 -34.59 -4.25
N GLY B 150 1.16 -34.14 -3.60
CA GLY B 150 1.17 -32.87 -2.89
C GLY B 150 1.59 -31.67 -3.70
N PHE B 151 1.13 -31.61 -4.94
CA PHE B 151 1.36 -30.53 -5.91
C PHE B 151 2.77 -30.60 -6.54
N CYS B 152 3.56 -31.63 -6.20
CA CYS B 152 4.92 -31.85 -6.67
C CYS B 152 4.98 -32.95 -7.69
N TYR B 153 5.80 -32.81 -8.73
CA TYR B 153 5.92 -33.84 -9.77
C TYR B 153 7.32 -34.40 -9.85
N VAL B 154 8.33 -33.54 -9.82
CA VAL B 154 9.73 -33.95 -9.90
C VAL B 154 10.42 -33.46 -8.64
N ASN B 155 11.13 -34.34 -7.97
CA ASN B 155 11.79 -34.01 -6.72
C ASN B 155 13.13 -33.39 -6.99
N ASP B 156 13.11 -32.06 -7.18
CA ASP B 156 14.33 -31.33 -7.45
C ASP B 156 15.32 -31.42 -6.32
N ILE B 157 14.84 -31.59 -5.07
CA ILE B 157 15.71 -31.69 -3.92
C ILE B 157 16.55 -32.96 -3.97
N VAL B 158 15.91 -34.10 -4.23
CA VAL B 158 16.62 -35.35 -4.30
C VAL B 158 17.67 -35.28 -5.42
N LEU B 159 17.29 -34.72 -6.56
CA LEU B 159 18.26 -34.57 -7.67
C LEU B 159 19.43 -33.66 -7.29
N ALA B 160 19.17 -32.56 -6.59
CA ALA B 160 20.23 -31.68 -6.15
C ALA B 160 21.13 -32.38 -5.14
N ILE B 161 20.54 -33.16 -4.21
CA ILE B 161 21.36 -33.88 -3.23
C ILE B 161 22.22 -34.94 -3.89
N LEU B 162 21.68 -35.64 -4.91
CA LEU B 162 22.53 -36.60 -5.64
C LEU B 162 23.71 -35.87 -6.31
N GLU B 163 23.49 -34.65 -6.81
CA GLU B 163 24.58 -33.86 -7.40
CA GLU B 163 24.57 -33.87 -7.40
C GLU B 163 25.61 -33.53 -6.32
N LEU B 164 25.16 -33.05 -5.15
CA LEU B 164 26.08 -32.73 -4.08
C LEU B 164 26.87 -33.95 -3.62
N LEU B 165 26.23 -35.13 -3.62
CA LEU B 165 26.89 -36.37 -3.21
C LEU B 165 28.08 -36.76 -4.09
N LYS B 166 28.20 -36.16 -5.28
CA LYS B 166 29.37 -36.42 -6.13
C LYS B 166 30.63 -35.88 -5.47
N TYR B 167 30.51 -34.81 -4.69
CA TYR B 167 31.63 -34.12 -4.08
C TYR B 167 31.66 -34.16 -2.57
N HIS B 168 30.52 -34.48 -1.93
CA HIS B 168 30.38 -34.44 -0.48
C HIS B 168 30.03 -35.76 0.11
N GLN B 169 30.85 -36.23 1.07
CA GLN B 169 30.59 -37.51 1.70
C GLN B 169 29.27 -37.50 2.47
N ARG B 170 29.00 -36.40 3.18
CA ARG B 170 27.80 -36.29 4.01
C ARG B 170 27.09 -35.00 3.69
N VAL B 171 25.80 -35.09 3.38
CA VAL B 171 24.97 -33.93 3.06
C VAL B 171 23.83 -33.84 4.07
N LEU B 172 23.61 -32.66 4.64
CA LEU B 172 22.52 -32.45 5.57
C LEU B 172 21.36 -31.76 4.88
N TYR B 173 20.16 -32.31 5.01
CA TYR B 173 18.93 -31.73 4.49
C TYR B 173 18.07 -31.28 5.67
N ILE B 174 17.67 -29.99 5.67
CA ILE B 174 16.82 -29.42 6.73
C ILE B 174 15.56 -28.89 6.05
N ASP B 175 14.38 -29.18 6.62
CA ASP B 175 13.12 -28.82 5.97
C ASP B 175 12.19 -28.14 6.94
N ILE B 176 11.93 -26.83 6.74
CA ILE B 176 11.08 -26.03 7.62
C ILE B 176 9.70 -25.75 7.03
N ASP B 177 9.34 -26.41 5.92
CA ASP B 177 7.98 -26.37 5.40
C ASP B 177 7.04 -26.94 6.51
N ILE B 178 5.76 -26.57 6.48
CA ILE B 178 4.84 -27.14 7.46
C ILE B 178 4.61 -28.64 7.25
N HIS B 179 4.80 -29.12 6.02
CA HIS B 179 4.56 -30.53 5.73
C HIS B 179 5.83 -31.35 5.85
N HIS B 180 5.69 -32.63 6.30
CA HIS B 180 6.83 -33.53 6.37
C HIS B 180 7.51 -33.66 4.97
N GLY B 181 8.84 -33.64 4.96
CA GLY B 181 9.57 -33.81 3.70
C GLY B 181 9.70 -35.30 3.37
N ASP B 182 8.57 -35.91 3.04
CA ASP B 182 8.48 -37.34 2.82
C ASP B 182 9.23 -37.88 1.64
N GLY B 183 9.16 -37.23 0.49
CA GLY B 183 9.84 -37.75 -0.70
C GLY B 183 11.34 -37.76 -0.54
N VAL B 184 11.88 -36.74 0.12
CA VAL B 184 13.32 -36.65 0.36
C VAL B 184 13.74 -37.67 1.41
N GLU B 185 13.00 -37.77 2.54
CA GLU B 185 13.32 -38.73 3.57
C GLU B 185 13.30 -40.16 2.99
N GLU B 186 12.30 -40.49 2.20
CA GLU B 186 12.18 -41.82 1.59
C GLU B 186 13.35 -42.15 0.67
N ALA B 187 13.74 -41.18 -0.16
CA ALA B 187 14.83 -41.41 -1.12
C ALA B 187 16.12 -41.81 -0.43
N PHE B 188 16.39 -41.25 0.75
CA PHE B 188 17.65 -41.50 1.46
C PHE B 188 17.50 -42.27 2.77
N TYR B 189 16.35 -42.93 2.95
CA TYR B 189 16.04 -43.59 4.23
C TYR B 189 17.04 -44.62 4.67
N THR B 190 17.67 -45.32 3.72
CA THR B 190 18.62 -46.38 4.09
C THR B 190 20.08 -46.02 3.91
N THR B 191 20.41 -44.73 3.77
CA THR B 191 21.80 -44.31 3.66
C THR B 191 22.18 -43.38 4.78
N ASP B 192 23.45 -43.43 5.17
CA ASP B 192 24.03 -42.52 6.14
C ASP B 192 24.71 -41.31 5.44
N ARG B 193 24.73 -41.28 4.10
CA ARG B 193 25.36 -40.17 3.37
C ARG B 193 24.50 -38.89 3.28
N VAL B 194 23.24 -39.01 3.71
CA VAL B 194 22.33 -37.87 3.79
C VAL B 194 21.62 -37.99 5.13
N MET B 195 21.59 -36.91 5.90
CA MET B 195 20.80 -36.87 7.10
C MET B 195 19.61 -35.94 6.75
N THR B 196 18.38 -36.40 6.98
CA THR B 196 17.20 -35.56 6.70
C THR B 196 16.60 -35.13 8.02
N VAL B 197 16.32 -33.84 8.19
CA VAL B 197 15.78 -33.27 9.42
C VAL B 197 14.56 -32.45 9.04
N SER B 198 13.38 -32.88 9.48
CA SER B 198 12.14 -32.21 9.17
C SER B 198 11.39 -31.77 10.40
N PHE B 199 10.93 -30.53 10.40
CA PHE B 199 10.09 -29.94 11.46
C PHE B 199 8.74 -29.72 10.77
N HIS B 200 7.67 -30.30 11.28
CA HIS B 200 6.40 -30.21 10.56
C HIS B 200 5.22 -30.49 11.43
N LYS B 201 4.04 -30.09 10.96
CA LYS B 201 2.82 -30.40 11.68
CA LYS B 201 2.79 -30.38 11.63
C LYS B 201 2.56 -31.89 11.47
N TYR B 202 2.18 -32.56 12.55
CA TYR B 202 1.93 -33.99 12.51
C TYR B 202 0.69 -34.32 13.30
N GLY B 203 -0.14 -35.19 12.72
CA GLY B 203 -1.39 -35.63 13.36
C GLY B 203 -2.55 -35.21 12.50
N GLU B 204 -3.20 -36.15 11.80
CA GLU B 204 -4.33 -35.82 10.90
C GLU B 204 -3.94 -34.71 9.92
N TYR B 205 -2.76 -34.85 9.28
CA TYR B 205 -2.28 -33.80 8.41
C TYR B 205 -1.44 -34.36 7.27
N PHE B 206 -1.58 -33.79 6.09
CA PHE B 206 -0.83 -34.24 4.93
C PHE B 206 0.68 -34.12 5.16
N PRO B 207 1.50 -35.10 4.72
CA PRO B 207 1.16 -36.34 4.01
C PRO B 207 0.92 -37.55 4.93
N GLY B 208 0.93 -37.36 6.24
CA GLY B 208 0.68 -38.43 7.21
C GLY B 208 1.89 -39.12 7.78
N THR B 209 3.06 -38.79 7.29
CA THR B 209 4.33 -39.36 7.73
C THR B 209 5.16 -38.40 8.60
N GLY B 210 6.32 -38.83 9.05
CA GLY B 210 7.17 -37.99 9.85
C GLY B 210 6.89 -38.11 11.32
N ASP B 211 6.61 -39.34 11.78
CA ASP B 211 6.43 -39.57 13.19
C ASP B 211 7.83 -39.45 13.86
N LEU B 212 7.84 -39.10 15.14
CA LEU B 212 9.05 -39.02 15.96
C LEU B 212 9.89 -40.34 15.87
N ARG B 213 9.20 -41.46 15.74
CA ARG B 213 9.83 -42.78 15.70
C ARG B 213 10.36 -43.20 14.34
N ASP B 214 10.14 -42.37 13.31
CA ASP B 214 10.68 -42.67 11.98
C ASP B 214 12.09 -42.10 12.00
N ILE B 215 13.07 -42.98 12.23
CA ILE B 215 14.46 -42.59 12.37
C ILE B 215 15.40 -43.15 11.32
N GLY B 216 14.87 -43.83 10.31
CA GLY B 216 15.69 -44.42 9.27
C GLY B 216 15.77 -45.93 9.43
N ALA B 217 16.35 -46.60 8.44
CA ALA B 217 16.47 -48.06 8.47
C ALA B 217 17.82 -48.49 7.89
N GLY B 218 18.30 -49.67 8.32
CA GLY B 218 19.57 -50.20 7.84
C GLY B 218 20.72 -49.28 8.16
N LYS B 219 21.59 -49.04 7.15
CA LYS B 219 22.71 -48.11 7.35
C LYS B 219 22.21 -46.67 7.68
N GLY B 220 20.97 -46.36 7.29
CA GLY B 220 20.34 -45.07 7.54
C GLY B 220 19.73 -44.92 8.93
N LYS B 221 19.81 -45.97 9.82
CA LYS B 221 19.22 -45.83 11.16
C LYS B 221 19.91 -44.72 11.92
N TYR B 222 19.12 -43.76 12.44
CA TYR B 222 19.52 -42.55 13.15
C TYR B 222 19.83 -41.37 12.19
N TYR B 223 19.74 -41.60 10.87
CA TYR B 223 20.02 -40.54 9.91
C TYR B 223 18.76 -39.85 9.36
N ALA B 224 17.59 -40.12 9.93
CA ALA B 224 16.35 -39.40 9.60
C ALA B 224 15.85 -38.88 10.95
N VAL B 225 15.52 -37.59 11.00
CA VAL B 225 15.09 -36.92 12.22
C VAL B 225 13.79 -36.19 11.91
N ASN B 226 12.78 -36.41 12.75
CA ASN B 226 11.48 -35.80 12.60
C ASN B 226 11.04 -35.15 13.90
N PHE B 227 10.68 -33.86 13.83
CA PHE B 227 10.16 -33.11 14.97
C PHE B 227 8.68 -32.83 14.68
N PRO B 228 7.78 -33.68 15.19
CA PRO B 228 6.34 -33.47 14.96
C PRO B 228 5.78 -32.38 15.86
N MET B 229 5.01 -31.47 15.29
N MET B 229 5.02 -31.46 15.27
CA MET B 229 4.44 -30.38 16.04
CA MET B 229 4.45 -30.30 15.92
C MET B 229 2.94 -30.33 15.88
C MET B 229 2.94 -30.21 15.79
N ARG B 230 2.31 -29.51 16.73
CA ARG B 230 0.89 -29.26 16.73
C ARG B 230 0.64 -27.85 16.19
N ASP B 231 -0.62 -27.49 16.04
CA ASP B 231 -0.99 -26.16 15.56
C ASP B 231 -0.46 -25.05 16.44
N GLY B 232 -0.19 -23.93 15.78
CA GLY B 232 0.09 -22.70 16.51
C GLY B 232 1.45 -22.42 17.02
N ILE B 233 2.47 -23.18 16.56
N ILE B 233 2.47 -23.18 16.56
CA ILE B 233 3.85 -22.93 16.98
CA ILE B 233 3.84 -22.91 16.97
C ILE B 233 4.24 -21.48 16.62
C ILE B 233 4.25 -21.48 16.62
N ASP B 234 4.93 -20.80 17.53
CA ASP B 234 5.29 -19.41 17.32
C ASP B 234 6.80 -19.22 17.23
N ASP B 235 7.23 -18.00 16.96
CA ASP B 235 8.65 -17.72 16.77
C ASP B 235 9.52 -18.16 17.95
N GLU B 236 9.09 -17.84 19.17
CA GLU B 236 9.90 -18.15 20.34
C GLU B 236 10.04 -19.65 20.53
N SER B 237 8.93 -20.40 20.45
CA SER B 237 8.96 -21.84 20.65
CA SER B 237 9.00 -21.83 20.67
C SER B 237 9.74 -22.55 19.56
N TYR B 238 9.54 -22.11 18.30
CA TYR B 238 10.25 -22.73 17.19
C TYR B 238 11.75 -22.48 17.30
N GLY B 239 12.11 -21.23 17.56
CA GLY B 239 13.51 -20.84 17.64
C GLY B 239 14.27 -21.56 18.73
N GLN B 240 13.59 -21.77 19.89
CA GLN B 240 14.18 -22.44 21.04
C GLN B 240 14.53 -23.88 20.79
N ILE B 241 13.86 -24.56 19.85
CA ILE B 241 14.22 -25.94 19.54
C ILE B 241 15.07 -26.06 18.29
N PHE B 242 14.89 -25.13 17.32
CA PHE B 242 15.61 -25.25 16.04
C PHE B 242 17.11 -25.13 16.24
N LYS B 243 17.58 -24.08 16.89
CA LYS B 243 19.02 -23.88 17.09
C LYS B 243 19.69 -25.05 17.85
N PRO B 244 19.16 -25.53 19.01
CA PRO B 244 19.87 -26.64 19.69
C PRO B 244 19.85 -27.92 18.88
N ILE B 245 18.75 -28.21 18.17
CA ILE B 245 18.70 -29.44 17.37
C ILE B 245 19.69 -29.37 16.22
N ILE B 246 19.67 -28.26 15.46
CA ILE B 246 20.60 -28.14 14.34
C ILE B 246 22.06 -28.13 14.83
N SER B 247 22.32 -27.47 15.96
CA SER B 247 23.69 -27.46 16.49
C SER B 247 24.16 -28.88 16.85
N LYS B 248 23.29 -29.69 17.46
CA LYS B 248 23.63 -31.06 17.81
C LYS B 248 23.83 -31.91 16.55
N VAL B 249 22.97 -31.71 15.53
CA VAL B 249 23.08 -32.42 14.27
C VAL B 249 24.42 -32.08 13.62
N MET B 250 24.79 -30.82 13.60
CA MET B 250 26.05 -30.37 13.00
C MET B 250 27.23 -31.00 13.73
N GLU B 251 27.20 -30.99 15.06
CA GLU B 251 28.26 -31.58 15.88
C GLU B 251 28.40 -33.09 15.62
N MET B 252 27.30 -33.83 15.64
CA MET B 252 27.37 -35.29 15.47
C MET B 252 27.62 -35.76 14.04
N TYR B 253 26.97 -35.12 13.07
CA TYR B 253 27.02 -35.56 11.69
C TYR B 253 28.15 -34.95 10.88
N GLN B 254 28.58 -33.72 11.20
CA GLN B 254 29.66 -33.03 10.49
C GLN B 254 29.50 -33.07 8.95
N PRO B 255 28.37 -32.54 8.46
CA PRO B 255 28.16 -32.55 7.00
C PRO B 255 29.09 -31.55 6.30
N SER B 256 29.34 -31.77 5.00
CA SER B 256 30.16 -30.81 4.27
C SER B 256 29.34 -29.92 3.33
N ALA B 257 28.02 -30.18 3.22
CA ALA B 257 27.13 -29.32 2.44
C ALA B 257 25.74 -29.45 3.05
N VAL B 258 24.93 -28.39 2.88
CA VAL B 258 23.60 -28.33 3.46
C VAL B 258 22.59 -27.88 2.43
N VAL B 259 21.40 -28.51 2.46
CA VAL B 259 20.26 -28.12 1.65
C VAL B 259 19.16 -27.71 2.63
N LEU B 260 18.64 -26.49 2.50
CA LEU B 260 17.60 -25.97 3.40
C LEU B 260 16.36 -25.66 2.58
N GLN B 261 15.29 -26.42 2.84
CA GLN B 261 14.01 -26.22 2.20
C GLN B 261 13.25 -25.21 3.09
N CYS B 262 12.86 -24.08 2.50
CA CYS B 262 12.28 -22.95 3.17
C CYS B 262 10.81 -22.77 2.88
N GLY B 263 10.05 -23.85 2.80
CA GLY B 263 8.61 -23.76 2.54
C GLY B 263 7.93 -22.75 3.46
N ALA B 264 7.20 -21.81 2.88
CA ALA B 264 6.57 -20.69 3.57
C ALA B 264 5.14 -20.98 4.05
N ASP B 265 4.69 -22.23 3.93
CA ASP B 265 3.38 -22.60 4.46
C ASP B 265 3.41 -22.80 5.99
N SER B 266 4.58 -22.63 6.63
CA SER B 266 4.75 -22.63 8.07
C SER B 266 4.56 -21.19 8.65
N LEU B 267 4.22 -20.20 7.82
CA LEU B 267 3.96 -18.87 8.30
C LEU B 267 2.54 -18.71 8.82
N SER B 268 2.41 -17.82 9.78
CA SER B 268 1.11 -17.37 10.29
C SER B 268 0.25 -16.86 9.12
N GLY B 269 -1.02 -17.20 9.14
CA GLY B 269 -1.95 -16.73 8.11
C GLY B 269 -1.92 -17.52 6.81
N ASP B 270 -1.18 -18.62 6.74
CA ASP B 270 -1.13 -19.40 5.51
C ASP B 270 -2.50 -20.01 5.21
N ARG B 271 -2.92 -20.00 3.94
CA ARG B 271 -4.24 -20.54 3.58
C ARG B 271 -4.41 -22.02 3.89
N LEU B 272 -3.34 -22.81 3.84
N LEU B 272 -3.33 -22.82 3.82
CA LEU B 272 -3.45 -24.23 4.13
CA LEU B 272 -3.33 -24.29 4.04
C LEU B 272 -2.88 -24.58 5.51
C LEU B 272 -2.65 -24.75 5.34
N GLY B 273 -1.81 -23.90 5.90
CA GLY B 273 -1.09 -24.15 7.14
C GLY B 273 -1.76 -23.69 8.41
N CYS B 274 -1.24 -24.16 9.52
CA CYS B 274 -1.78 -23.91 10.85
C CYS B 274 -0.72 -23.52 11.86
N PHE B 275 0.42 -22.98 11.42
CA PHE B 275 1.45 -22.51 12.29
C PHE B 275 1.32 -20.98 12.49
N ASN B 276 2.11 -20.42 13.38
CA ASN B 276 2.04 -19.00 13.72
C ASN B 276 3.38 -18.29 13.69
N LEU B 277 4.25 -18.68 12.76
CA LEU B 277 5.54 -18.03 12.61
C LEU B 277 5.45 -16.72 11.84
N THR B 278 6.31 -15.77 12.18
CA THR B 278 6.41 -14.56 11.39
C THR B 278 7.53 -14.80 10.34
N VAL B 279 7.73 -13.83 9.43
CA VAL B 279 8.84 -13.90 8.49
C VAL B 279 10.18 -13.87 9.26
N LYS B 280 10.28 -13.07 10.34
CA LYS B 280 11.49 -13.05 11.14
C LYS B 280 11.76 -14.40 11.79
N GLY B 281 10.72 -15.05 12.30
CA GLY B 281 10.88 -16.32 12.96
C GLY B 281 11.28 -17.42 11.98
N HIS B 282 10.71 -17.37 10.77
CA HIS B 282 11.03 -18.35 9.73
C HIS B 282 12.50 -18.11 9.28
N ALA B 283 12.85 -16.84 9.04
CA ALA B 283 14.18 -16.48 8.56
C ALA B 283 15.29 -16.70 9.55
N LYS B 284 14.95 -16.75 10.86
CA LYS B 284 15.96 -17.07 11.87
C LYS B 284 16.58 -18.44 11.59
N CYS B 285 15.82 -19.35 10.96
CA CYS B 285 16.35 -20.66 10.59
C CYS B 285 17.46 -20.51 9.59
N VAL B 286 17.30 -19.62 8.62
CA VAL B 286 18.34 -19.37 7.61
C VAL B 286 19.57 -18.80 8.31
N GLU B 287 19.36 -17.84 9.23
CA GLU B 287 20.46 -17.24 9.97
CA GLU B 287 20.46 -17.23 9.96
C GLU B 287 21.23 -18.29 10.74
N VAL B 288 20.52 -19.19 11.44
CA VAL B 288 21.18 -20.25 12.21
C VAL B 288 22.00 -21.17 11.32
N VAL B 289 21.45 -21.62 10.21
CA VAL B 289 22.15 -22.52 9.32
C VAL B 289 23.41 -21.85 8.74
N LYS B 290 23.32 -20.57 8.42
CA LYS B 290 24.49 -19.83 7.90
C LYS B 290 25.66 -19.76 8.87
N THR B 291 25.41 -19.76 10.19
CA THR B 291 26.51 -19.70 11.17
C THR B 291 27.50 -20.84 11.05
N PHE B 292 27.11 -21.97 10.46
CA PHE B 292 28.00 -23.12 10.31
C PHE B 292 28.97 -22.98 9.13
N ASN B 293 28.83 -21.92 8.31
CA ASN B 293 29.77 -21.67 7.21
C ASN B 293 30.00 -22.83 6.27
N LEU B 294 28.93 -23.51 5.90
CA LEU B 294 29.00 -24.63 4.96
C LEU B 294 28.33 -24.25 3.65
N PRO B 295 28.74 -24.86 2.52
CA PRO B 295 28.05 -24.63 1.23
C PRO B 295 26.55 -24.92 1.44
N LEU B 296 25.71 -23.99 1.00
CA LEU B 296 24.29 -24.04 1.29
C LEU B 296 23.42 -23.79 0.08
N LEU B 297 22.49 -24.71 -0.16
CA LEU B 297 21.49 -24.61 -1.21
C LEU B 297 20.15 -24.30 -0.53
N MET B 298 19.57 -23.13 -0.80
CA MET B 298 18.31 -22.69 -0.22
C MET B 298 17.25 -22.85 -1.27
N LEU B 299 16.15 -23.54 -0.91
CA LEU B 299 15.08 -23.84 -1.83
C LEU B 299 13.74 -23.37 -1.31
N GLY B 300 12.77 -23.23 -2.23
CA GLY B 300 11.40 -22.87 -1.86
C GLY B 300 10.63 -24.05 -1.29
N GLY B 301 9.33 -24.04 -1.51
CA GLY B 301 8.46 -25.09 -1.03
C GLY B 301 7.02 -24.60 -1.05
N GLY B 302 6.22 -25.01 -0.07
CA GLY B 302 4.82 -24.58 -0.03
C GLY B 302 4.68 -23.11 0.34
N GLY B 303 3.44 -22.67 0.46
CA GLY B 303 3.13 -21.27 0.79
C GLY B 303 1.99 -20.83 -0.09
N TYR B 304 0.88 -20.46 0.56
CA TYR B 304 -0.40 -20.26 -0.10
C TYR B 304 -1.05 -18.89 0.11
N THR B 305 -0.50 -18.07 0.98
CA THR B 305 -0.95 -16.66 1.13
C THR B 305 0.19 -15.95 0.40
N ILE B 306 0.02 -15.72 -0.89
CA ILE B 306 1.14 -15.36 -1.76
C ILE B 306 1.87 -14.07 -1.42
N ARG B 307 1.16 -13.06 -0.87
CA ARG B 307 1.87 -11.86 -0.42
C ARG B 307 2.88 -12.20 0.68
N ASN B 308 2.54 -13.17 1.58
CA ASN B 308 3.47 -13.55 2.65
C ASN B 308 4.61 -14.41 2.17
N VAL B 309 4.37 -15.20 1.12
CA VAL B 309 5.43 -15.99 0.51
C VAL B 309 6.48 -15.05 -0.09
N ALA B 310 6.02 -14.02 -0.81
CA ALA B 310 6.93 -13.04 -1.42
C ALA B 310 7.72 -12.30 -0.35
N ARG B 311 7.06 -11.92 0.75
CA ARG B 311 7.77 -11.26 1.84
C ARG B 311 8.83 -12.20 2.42
N CYS B 312 8.45 -13.45 2.70
CA CYS B 312 9.34 -14.41 3.31
C CYS B 312 10.60 -14.67 2.52
N TRP B 313 10.43 -14.98 1.25
CA TRP B 313 11.58 -15.31 0.41
C TRP B 313 12.40 -14.08 0.04
N THR B 314 11.78 -12.91 -0.04
CA THR B 314 12.54 -11.67 -0.23
C THR B 314 13.44 -11.46 1.00
N TYR B 315 12.86 -11.56 2.22
CA TYR B 315 13.65 -11.36 3.43
C TYR B 315 14.74 -12.42 3.55
N GLU B 316 14.43 -13.68 3.22
CA GLU B 316 15.44 -14.74 3.32
C GLU B 316 16.57 -14.56 2.30
N THR B 317 16.29 -13.92 1.15
CA THR B 317 17.35 -13.61 0.19
C THR B 317 18.24 -12.50 0.81
N ALA B 318 17.62 -11.50 1.46
CA ALA B 318 18.41 -10.47 2.15
C ALA B 318 19.26 -11.09 3.24
N VAL B 319 18.73 -12.04 3.99
CA VAL B 319 19.51 -12.74 5.03
C VAL B 319 20.71 -13.47 4.38
N ALA B 320 20.48 -14.18 3.26
CA ALA B 320 21.59 -14.87 2.56
C ALA B 320 22.69 -13.86 2.17
N LEU B 321 22.28 -12.67 1.75
CA LEU B 321 23.17 -11.59 1.35
C LEU B 321 23.78 -10.82 2.51
N ASP B 322 23.41 -11.14 3.75
CA ASP B 322 23.90 -10.44 4.92
C ASP B 322 23.57 -8.96 4.89
N CYS B 323 22.34 -8.65 4.55
CA CYS B 323 21.86 -7.28 4.42
CA CYS B 323 21.92 -7.27 4.60
C CYS B 323 20.51 -7.15 5.11
N GLU B 324 20.20 -5.97 5.57
CA GLU B 324 18.88 -5.68 6.09
C GLU B 324 18.21 -4.82 5.01
N ILE B 325 16.91 -4.85 5.04
CA ILE B 325 16.07 -4.12 4.13
C ILE B 325 14.98 -3.46 4.93
N PRO B 326 14.49 -2.30 4.50
CA PRO B 326 13.44 -1.63 5.29
C PRO B 326 12.11 -2.36 5.34
N ASN B 327 11.35 -2.14 6.42
CA ASN B 327 10.02 -2.68 6.56
C ASN B 327 9.06 -2.04 5.54
N GLU B 328 9.27 -0.78 5.18
CA GLU B 328 8.47 -0.10 4.18
C GLU B 328 8.71 -0.77 2.81
N LEU B 329 7.68 -1.38 2.21
CA LEU B 329 7.91 -2.02 0.91
C LEU B 329 8.17 -1.00 -0.16
N PRO B 330 9.11 -1.27 -1.07
CA PRO B 330 9.28 -0.38 -2.22
C PRO B 330 8.11 -0.63 -3.17
N TYR B 331 7.85 0.37 -4.02
CA TYR B 331 6.85 0.20 -5.07
C TYR B 331 7.30 -0.96 -5.98
N ASN B 332 6.34 -1.72 -6.48
CA ASN B 332 6.64 -2.90 -7.29
C ASN B 332 5.43 -3.27 -8.12
N ASP B 333 5.59 -4.21 -9.04
CA ASP B 333 4.52 -4.57 -9.97
C ASP B 333 3.27 -5.12 -9.32
N TYR B 334 3.41 -5.61 -8.09
CA TYR B 334 2.31 -6.23 -7.33
C TYR B 334 2.04 -5.48 -6.05
N PHE B 335 2.28 -4.17 -6.01
CA PHE B 335 2.15 -3.40 -4.80
C PHE B 335 0.83 -3.56 -4.09
N GLU B 336 -0.26 -3.56 -4.85
CA GLU B 336 -1.59 -3.69 -4.27
C GLU B 336 -1.86 -5.00 -3.55
N TYR B 337 -1.03 -6.03 -3.85
CA TYR B 337 -1.23 -7.31 -3.18
C TYR B 337 -0.78 -7.23 -1.70
N PHE B 338 -0.02 -6.18 -1.30
CA PHE B 338 0.55 -6.09 0.04
C PHE B 338 -0.22 -5.19 1.01
N GLY B 339 -1.43 -4.79 0.64
CA GLY B 339 -2.27 -4.05 1.55
C GLY B 339 -2.74 -4.96 2.68
N PRO B 340 -3.25 -4.37 3.77
CA PRO B 340 -3.50 -2.93 3.96
C PRO B 340 -2.31 -2.13 4.46
N ASP B 341 -1.24 -2.80 4.88
CA ASP B 341 -0.09 -2.19 5.50
C ASP B 341 1.07 -1.85 4.59
N PHE B 342 1.28 -2.60 3.51
CA PHE B 342 2.42 -2.36 2.60
C PHE B 342 3.76 -2.48 3.33
N LYS B 343 3.84 -3.38 4.29
CA LYS B 343 5.08 -3.66 5.03
C LYS B 343 5.65 -5.03 4.66
N LEU B 344 6.92 -5.24 4.94
CA LEU B 344 7.56 -6.50 4.67
C LEU B 344 7.22 -7.53 5.75
N HIS B 345 7.27 -7.12 7.02
CA HIS B 345 7.10 -8.04 8.13
C HIS B 345 5.67 -8.26 8.52
N ILE B 346 5.38 -9.44 9.06
CA ILE B 346 4.04 -9.82 9.45
C ILE B 346 3.98 -10.04 10.94
N SER B 347 2.77 -9.94 11.49
CA SER B 347 2.55 -10.14 12.92
C SER B 347 1.90 -11.48 13.14
N PRO B 348 2.17 -12.10 14.29
CA PRO B 348 1.49 -13.37 14.58
C PRO B 348 0.02 -13.12 14.92
N SER B 349 -0.77 -14.18 14.82
CA SER B 349 -2.18 -14.11 15.20
C SER B 349 -2.34 -14.46 16.68
N ASN B 350 -3.59 -14.43 17.14
CA ASN B 350 -3.92 -14.82 18.50
C ASN B 350 -4.19 -16.33 18.64
N MET B 351 -3.88 -17.16 17.61
CA MET B 351 -4.15 -18.58 17.73
C MET B 351 -3.38 -19.20 18.88
N THR B 352 -3.99 -20.19 19.53
CA THR B 352 -3.34 -20.87 20.62
C THR B 352 -2.15 -21.70 20.10
N ASN B 353 -1.04 -21.63 20.82
CA ASN B 353 0.10 -22.49 20.52
C ASN B 353 -0.17 -23.80 21.28
N GLN B 354 -0.55 -24.85 20.56
CA GLN B 354 -0.84 -26.16 21.17
C GLN B 354 0.42 -26.92 21.57
N ASN B 355 1.60 -26.44 21.19
CA ASN B 355 2.87 -27.05 21.55
C ASN B 355 3.26 -26.47 22.90
N THR B 356 2.92 -27.17 23.99
CA THR B 356 3.28 -26.70 25.31
C THR B 356 4.79 -26.71 25.48
N PRO B 357 5.34 -25.92 26.43
CA PRO B 357 6.78 -25.96 26.65
C PRO B 357 7.27 -27.37 27.03
N GLU B 358 6.43 -28.13 27.76
CA GLU B 358 6.80 -29.48 28.17
C GLU B 358 6.82 -30.43 27.00
N TYR B 359 5.85 -30.30 26.10
CA TYR B 359 5.80 -31.12 24.88
C TYR B 359 7.08 -30.85 24.05
N MET B 360 7.42 -29.56 23.88
CA MET B 360 8.61 -29.20 23.08
C MET B 360 9.88 -29.77 23.65
N GLU B 361 10.06 -29.66 24.97
CA GLU B 361 11.27 -30.16 25.61
C GLU B 361 11.35 -31.67 25.62
N LYS B 362 10.20 -32.34 25.77
CA LYS B 362 10.18 -33.79 25.81
C LYS B 362 10.54 -34.36 24.43
N ILE B 363 9.98 -33.75 23.36
CA ILE B 363 10.32 -34.19 22.00
C ILE B 363 11.79 -33.90 21.72
N LYS B 364 12.29 -32.70 22.10
CA LYS B 364 13.69 -32.37 21.90
C LYS B 364 14.60 -33.38 22.62
N GLN B 365 14.24 -33.76 23.84
CA GLN B 365 15.05 -34.72 24.59
C GLN B 365 15.06 -36.09 23.92
N ARG B 366 13.91 -36.55 23.40
CA ARG B 366 13.85 -37.84 22.70
C ARG B 366 14.74 -37.77 21.43
N LEU B 367 14.73 -36.62 20.72
CA LEU B 367 15.56 -36.47 19.51
C LEU B 367 17.03 -36.43 19.89
N PHE B 368 17.38 -35.79 21.01
CA PHE B 368 18.77 -35.74 21.47
C PHE B 368 19.28 -37.14 21.79
N GLU B 369 18.42 -38.01 22.33
CA GLU B 369 18.81 -39.40 22.61
C GLU B 369 19.16 -40.11 21.30
N ASN B 370 18.39 -39.85 20.23
CA ASN B 370 18.65 -40.47 18.95
C ASN B 370 19.94 -39.93 18.33
N LEU B 371 20.20 -38.63 18.45
CA LEU B 371 21.39 -38.00 17.91
C LEU B 371 22.66 -38.50 18.59
N ARG B 372 22.55 -38.83 19.89
CA ARG B 372 23.71 -39.38 20.63
C ARG B 372 24.09 -40.78 20.14
N MET B 373 23.20 -41.47 19.42
CA MET B 373 23.45 -42.80 18.85
C MET B 373 24.26 -42.76 17.55
N LEU B 374 24.57 -41.56 17.01
CA LEU B 374 25.40 -41.42 15.81
C LEU B 374 26.88 -41.64 16.19
N PRO B 375 27.76 -42.09 15.26
CA PRO B 375 29.17 -42.32 15.63
C PRO B 375 29.96 -41.04 15.86
N LYS C 9 -14.10 -2.76 41.47
CA LYS C 9 -14.11 -4.14 40.98
C LYS C 9 -13.34 -4.24 39.65
N LYS C 10 -13.46 -3.22 38.79
CA LYS C 10 -12.75 -3.23 37.52
C LYS C 10 -11.28 -2.84 37.75
N LYS C 11 -10.36 -3.67 37.25
CA LYS C 11 -8.93 -3.45 37.43
C LYS C 11 -8.39 -2.35 36.51
N VAL C 12 -7.56 -1.45 37.06
CA VAL C 12 -6.95 -0.35 36.33
C VAL C 12 -5.42 -0.44 36.39
N CYS C 13 -4.78 -0.49 35.22
CA CYS C 13 -3.33 -0.49 35.10
C CYS C 13 -2.94 0.90 34.61
N TYR C 14 -1.87 1.45 35.17
CA TYR C 14 -1.43 2.80 34.89
C TYR C 14 0.02 2.84 34.46
N TYR C 15 0.30 3.47 33.32
CA TYR C 15 1.62 3.53 32.73
C TYR C 15 2.24 4.89 32.88
N TYR C 16 3.44 4.94 33.47
CA TYR C 16 4.10 6.21 33.71
C TYR C 16 5.58 6.02 33.87
N ASP C 17 6.35 6.92 33.27
CA ASP C 17 7.80 6.91 33.44
C ASP C 17 8.15 8.25 34.03
N GLY C 18 8.84 8.23 35.17
CA GLY C 18 9.24 9.43 35.90
C GLY C 18 10.04 10.47 35.14
N ASP C 19 10.61 10.10 33.98
CA ASP C 19 11.37 11.04 33.16
C ASP C 19 10.52 11.81 32.16
N ILE C 20 9.26 11.38 31.92
CA ILE C 20 8.41 12.00 30.92
C ILE C 20 8.25 13.51 31.10
N GLY C 21 8.13 13.97 32.35
CA GLY C 21 7.95 15.39 32.62
C GLY C 21 9.15 16.27 32.37
N ASN C 22 10.33 15.65 32.13
CA ASN C 22 11.56 16.41 31.89
C ASN C 22 11.79 16.81 30.43
N TYR C 23 11.05 16.21 29.48
CA TYR C 23 11.21 16.57 28.08
C TYR C 23 10.68 17.97 27.88
N TYR C 24 11.41 18.79 27.15
CA TYR C 24 11.09 20.18 26.94
C TYR C 24 11.06 20.57 25.48
N TYR C 25 9.90 21.05 25.00
CA TYR C 25 9.74 21.44 23.60
C TYR C 25 10.45 22.73 23.18
N GLY C 26 10.82 23.56 24.16
CA GLY C 26 11.47 24.82 23.86
C GLY C 26 10.72 26.01 24.41
N GLN C 27 11.40 27.16 24.55
CA GLN C 27 10.78 28.35 25.11
C GLN C 27 9.59 28.85 24.29
N GLY C 28 8.48 29.06 24.99
CA GLY C 28 7.26 29.55 24.37
C GLY C 28 6.38 28.46 23.77
N HIS C 29 6.92 27.24 23.56
CA HIS C 29 6.12 26.17 22.97
C HIS C 29 5.01 25.77 23.94
N PRO C 30 3.74 25.78 23.47
CA PRO C 30 2.64 25.45 24.40
C PRO C 30 2.60 24.03 24.94
N MET C 31 3.25 23.06 24.27
CA MET C 31 3.24 21.69 24.77
C MET C 31 4.22 21.52 25.90
N LYS C 32 3.71 21.17 27.09
CA LYS C 32 4.50 21.02 28.30
C LYS C 32 4.40 19.64 28.92
N PRO C 33 5.31 18.71 28.59
CA PRO C 33 5.24 17.36 29.20
C PRO C 33 5.24 17.35 30.74
N HIS C 34 5.68 18.45 31.38
CA HIS C 34 5.64 18.55 32.84
C HIS C 34 4.20 18.40 33.37
N ARG C 35 3.18 18.68 32.52
CA ARG C 35 1.79 18.50 32.90
C ARG C 35 1.50 17.04 33.28
N ILE C 36 2.23 16.06 32.71
N ILE C 36 2.23 16.05 32.70
CA ILE C 36 2.04 14.64 33.04
CA ILE C 36 2.00 14.65 33.06
C ILE C 36 2.55 14.38 34.46
C ILE C 36 2.53 14.39 34.47
N ARG C 37 3.64 15.03 34.86
CA ARG C 37 4.20 14.88 36.20
C ARG C 37 3.27 15.56 37.21
N MET C 38 2.69 16.72 36.86
CA MET C 38 1.73 17.40 37.74
C MET C 38 0.50 16.49 37.96
N THR C 39 0.01 15.85 36.87
CA THR C 39 -1.11 14.92 36.95
C THR C 39 -0.77 13.75 37.87
N HIS C 40 0.41 13.15 37.65
CA HIS C 40 0.87 12.02 38.44
C HIS C 40 0.94 12.35 39.93
N ASN C 41 1.55 13.49 40.24
CA ASN C 41 1.72 13.88 41.63
C ASN C 41 0.39 14.18 42.30
N LEU C 42 -0.55 14.78 41.57
CA LEU C 42 -1.85 15.08 42.15
C LEU C 42 -2.62 13.79 42.43
N LEU C 43 -2.65 12.86 41.46
CA LEU C 43 -3.38 11.62 41.67
C LEU C 43 -2.70 10.74 42.75
N LEU C 44 -1.37 10.85 42.89
CA LEU C 44 -0.64 10.11 43.91
C LEU C 44 -1.07 10.64 45.30
N ASN C 45 -1.13 11.95 45.46
CA ASN C 45 -1.52 12.57 46.72
C ASN C 45 -3.00 12.42 47.08
N TYR C 46 -3.84 12.10 46.09
CA TYR C 46 -5.26 11.83 46.34
C TYR C 46 -5.46 10.34 46.76
N GLY C 47 -4.40 9.52 46.73
CA GLY C 47 -4.46 8.11 47.10
C GLY C 47 -4.89 7.20 45.97
N LEU C 48 -4.92 7.71 44.72
CA LEU C 48 -5.37 6.90 43.58
C LEU C 48 -4.30 5.97 43.06
N TYR C 49 -3.04 6.41 43.13
CA TYR C 49 -1.88 5.65 42.67
C TYR C 49 -1.83 4.26 43.33
N ARG C 50 -2.11 4.20 44.64
CA ARG C 50 -2.12 2.95 45.42
C ARG C 50 -3.22 1.95 44.97
N LYS C 51 -4.32 2.45 44.39
CA LYS C 51 -5.44 1.62 43.94
C LYS C 51 -5.24 1.00 42.53
N MET C 52 -4.16 1.35 41.84
CA MET C 52 -3.88 0.86 40.50
C MET C 52 -2.62 0.02 40.45
N GLU C 53 -2.51 -0.83 39.41
CA GLU C 53 -1.30 -1.59 39.18
C GLU C 53 -0.43 -0.63 38.38
N ILE C 54 0.77 -0.33 38.88
CA ILE C 54 1.67 0.64 38.27
C ILE C 54 2.76 0.02 37.43
N TYR C 55 2.97 0.57 36.23
CA TYR C 55 3.99 0.06 35.34
C TYR C 55 4.80 1.17 34.71
N ARG C 56 6.11 1.00 34.69
CA ARG C 56 7.02 1.93 34.03
C ARG C 56 7.14 1.25 32.67
N PRO C 57 6.62 1.88 31.62
CA PRO C 57 6.63 1.23 30.31
C PRO C 57 8.00 1.12 29.71
N HIS C 58 8.24 -0.01 29.04
CA HIS C 58 9.48 -0.22 28.32
C HIS C 58 9.41 0.69 27.08
N LYS C 59 10.55 1.24 26.67
CA LYS C 59 10.62 2.09 25.49
C LYS C 59 10.22 1.32 24.26
N ALA C 60 9.31 1.89 23.43
CA ALA C 60 8.91 1.24 22.18
C ALA C 60 10.13 1.24 21.26
N THR C 61 10.41 0.13 20.59
CA THR C 61 11.57 0.10 19.70
C THR C 61 11.27 0.81 18.38
N ALA C 62 12.34 1.17 17.64
CA ALA C 62 12.19 1.74 16.31
C ALA C 62 11.46 0.73 15.41
N GLU C 63 11.73 -0.58 15.56
CA GLU C 63 11.09 -1.64 14.79
C GLU C 63 9.59 -1.69 15.07
N GLU C 64 9.17 -1.51 16.32
CA GLU C 64 7.75 -1.47 16.66
C GLU C 64 7.10 -0.26 15.96
N MET C 65 7.79 0.90 15.95
CA MET C 65 7.24 2.09 15.32
C MET C 65 7.04 1.93 13.82
N THR C 66 7.95 1.16 13.16
CA THR C 66 7.85 0.94 11.70
C THR C 66 6.77 -0.06 11.31
N LYS C 67 5.99 -0.60 12.27
CA LYS C 67 4.79 -1.35 11.93
C LYS C 67 3.80 -0.39 11.23
N TYR C 68 3.88 0.95 11.52
CA TYR C 68 3.03 1.94 10.91
C TYR C 68 3.86 2.99 10.19
N HIS C 69 4.80 3.63 10.89
CA HIS C 69 5.59 4.71 10.32
C HIS C 69 6.61 4.23 9.32
N SER C 70 7.00 5.08 8.40
CA SER C 70 8.02 4.67 7.41
C SER C 70 9.38 4.55 8.11
N ASP C 71 10.24 3.68 7.55
CA ASP C 71 11.59 3.51 8.08
C ASP C 71 12.37 4.80 7.97
N GLU C 72 12.25 5.54 6.86
CA GLU C 72 13.02 6.78 6.71
C GLU C 72 12.61 7.82 7.75
N TYR C 73 11.30 7.90 8.07
CA TYR C 73 10.84 8.88 9.05
C TYR C 73 11.33 8.49 10.45
N ILE C 74 11.23 7.22 10.82
CA ILE C 74 11.70 6.79 12.14
C ILE C 74 13.21 6.94 12.26
N LYS C 75 13.96 6.63 11.20
CA LYS C 75 15.43 6.80 11.24
C LYS C 75 15.77 8.29 11.44
N PHE C 76 15.02 9.16 10.79
CA PHE C 76 15.20 10.60 10.95
C PHE C 76 14.94 11.02 12.39
N LEU C 77 13.84 10.56 13.01
CA LEU C 77 13.55 10.93 14.39
C LEU C 77 14.63 10.43 15.34
N ARG C 78 15.22 9.28 15.05
CA ARG C 78 16.29 8.73 15.90
C ARG C 78 17.61 9.47 15.69
N SER C 79 17.80 10.12 14.55
CA SER C 79 19.06 10.75 14.18
C SER C 79 19.17 12.22 14.44
N ILE C 80 18.08 12.98 14.25
CA ILE C 80 18.09 14.41 14.41
C ILE C 80 18.41 14.82 15.84
N ARG C 81 19.13 15.94 15.97
CA ARG C 81 19.52 16.52 17.25
C ARG C 81 19.50 18.03 17.09
N PRO C 82 19.28 18.78 18.19
CA PRO C 82 19.28 20.25 18.07
C PRO C 82 20.57 20.81 17.47
N ASP C 83 21.73 20.13 17.69
CA ASP C 83 22.99 20.66 17.18
C ASP C 83 23.44 20.06 15.84
N ASN C 84 22.60 19.25 15.18
CA ASN C 84 22.97 18.70 13.87
C ASN C 84 21.94 19.01 12.77
N MET C 85 20.95 19.88 13.07
CA MET C 85 19.88 20.25 12.13
C MET C 85 20.33 20.67 10.74
N SER C 86 21.51 21.30 10.59
CA SER C 86 21.99 21.70 9.25
C SER C 86 22.30 20.49 8.36
N GLU C 87 22.56 19.32 8.96
CA GLU C 87 22.81 18.09 8.17
C GLU C 87 21.49 17.43 7.71
N TYR C 88 20.33 17.93 8.18
CA TYR C 88 19.03 17.33 7.89
C TYR C 88 17.98 18.33 7.42
N SER C 89 18.37 19.45 6.81
CA SER C 89 17.39 20.46 6.34
C SER C 89 16.32 19.91 5.38
N LYS C 90 16.72 19.09 4.40
CA LYS C 90 15.76 18.53 3.45
C LYS C 90 14.79 17.58 4.15
N GLN C 91 15.31 16.74 5.06
CA GLN C 91 14.45 15.80 5.78
C GLN C 91 13.51 16.52 6.73
N MET C 92 13.93 17.65 7.32
CA MET C 92 13.04 18.42 8.18
C MET C 92 11.83 18.90 7.38
N GLN C 93 12.05 19.33 6.16
CA GLN C 93 10.97 19.77 5.29
C GLN C 93 10.06 18.57 4.91
N ARG C 94 10.66 17.46 4.53
CA ARG C 94 9.93 16.27 4.14
C ARG C 94 9.06 15.73 5.27
N PHE C 95 9.55 15.77 6.49
CA PHE C 95 8.85 15.20 7.64
C PHE C 95 8.15 16.23 8.54
N ASN C 96 8.12 17.50 8.14
CA ASN C 96 7.45 18.56 8.88
C ASN C 96 7.96 18.75 10.30
N VAL C 97 9.27 18.72 10.45
CA VAL C 97 9.88 18.97 11.74
C VAL C 97 10.38 20.39 11.64
N GLY C 98 9.83 21.25 12.47
CA GLY C 98 10.10 22.68 12.47
C GLY C 98 9.45 23.37 13.64
N GLU C 99 8.72 24.46 13.39
CA GLU C 99 8.10 25.22 14.48
C GLU C 99 7.13 24.42 15.35
N ASP C 100 6.05 23.85 14.75
CA ASP C 100 5.10 23.12 15.58
C ASP C 100 5.71 21.90 16.19
N CYS C 101 6.56 21.19 15.42
CA CYS C 101 7.13 19.96 15.88
C CYS C 101 8.62 20.12 15.90
N PRO C 102 9.13 20.77 16.95
CA PRO C 102 10.57 21.05 17.00
C PRO C 102 11.47 19.89 17.33
N VAL C 103 12.77 20.11 17.12
CA VAL C 103 13.78 19.14 17.50
C VAL C 103 14.17 19.54 18.92
N PHE C 104 14.09 18.61 19.86
CA PHE C 104 14.50 18.88 21.22
C PHE C 104 15.31 17.73 21.77
N ASP C 105 16.08 17.99 22.86
CA ASP C 105 16.89 16.95 23.48
C ASP C 105 16.04 15.77 23.95
N GLY C 106 16.39 14.59 23.51
CA GLY C 106 15.69 13.37 23.89
C GLY C 106 14.38 13.15 23.16
N LEU C 107 14.16 13.83 22.03
CA LEU C 107 12.93 13.67 21.23
C LEU C 107 12.56 12.20 20.99
N PHE C 108 13.54 11.38 20.55
CA PHE C 108 13.25 9.99 20.26
C PHE C 108 12.81 9.22 21.50
N GLU C 109 13.50 9.43 22.63
CA GLU C 109 13.15 8.75 23.88
C GLU C 109 11.74 9.16 24.34
N PHE C 110 11.36 10.44 24.14
CA PHE C 110 10.02 10.90 24.47
C PHE C 110 8.99 10.11 23.65
N CYS C 111 9.25 9.93 22.35
CA CYS C 111 8.38 9.16 21.48
C CYS C 111 8.30 7.71 21.94
N GLN C 112 9.46 7.13 22.33
CA GLN C 112 9.52 5.75 22.78
C GLN C 112 8.71 5.52 24.05
N LEU C 113 8.76 6.47 24.98
CA LEU C 113 8.07 6.33 26.26
C LEU C 113 6.56 6.55 26.12
N SER C 114 6.16 7.56 25.33
CA SER C 114 4.75 7.86 25.06
C SER C 114 4.13 6.64 24.35
N THR C 115 4.83 6.10 23.34
CA THR C 115 4.32 4.95 22.58
C THR C 115 4.34 3.68 23.40
N GLY C 116 5.41 3.46 24.15
CA GLY C 116 5.57 2.26 24.97
C GLY C 116 4.42 2.06 25.95
N GLY C 117 3.93 3.14 26.56
CA GLY C 117 2.81 3.04 27.49
C GLY C 117 1.53 2.61 26.80
N SER C 118 1.27 3.15 25.60
CA SER C 118 0.05 2.82 24.87
C SER C 118 0.07 1.38 24.37
N VAL C 119 1.20 0.94 23.76
CA VAL C 119 1.29 -0.42 23.27
C VAL C 119 1.26 -1.41 24.45
N ALA C 120 1.94 -1.09 25.57
CA ALA C 120 1.93 -1.99 26.74
C ALA C 120 0.53 -2.11 27.29
N GLY C 121 -0.23 -1.02 27.30
CA GLY C 121 -1.61 -1.05 27.77
C GLY C 121 -2.45 -1.96 26.88
N ALA C 122 -2.22 -1.89 25.56
CA ALA C 122 -2.97 -2.74 24.62
C ALA C 122 -2.62 -4.20 24.86
N VAL C 123 -1.33 -4.53 25.09
CA VAL C 123 -0.92 -5.91 25.36
C VAL C 123 -1.61 -6.43 26.62
N LYS C 124 -1.65 -5.60 27.67
CA LYS C 124 -2.28 -5.98 28.94
C LYS C 124 -3.76 -6.29 28.75
N LEU C 125 -4.45 -5.47 27.93
CA LEU C 125 -5.86 -5.68 27.64
C LEU C 125 -6.03 -6.95 26.80
N ASN C 126 -5.16 -7.18 25.81
CA ASN C 126 -5.21 -8.39 24.97
C ASN C 126 -5.06 -9.66 25.80
N ARG C 127 -4.16 -9.61 26.78
CA ARG C 127 -3.91 -10.76 27.66
C ARG C 127 -5.00 -10.94 28.74
N GLN C 128 -6.02 -10.06 28.76
CA GLN C 128 -7.11 -10.09 29.74
C GLN C 128 -6.58 -9.97 31.18
N GLN C 129 -5.51 -9.20 31.34
CA GLN C 129 -4.92 -8.96 32.65
C GLN C 129 -5.34 -7.65 33.28
N THR C 130 -6.20 -6.87 32.62
CA THR C 130 -6.75 -5.62 33.15
C THR C 130 -8.06 -5.28 32.45
N ASP C 131 -8.89 -4.47 33.08
CA ASP C 131 -10.14 -4.00 32.47
C ASP C 131 -9.88 -2.64 31.78
N MET C 132 -9.03 -1.81 32.39
CA MET C 132 -8.64 -0.52 31.87
C MET C 132 -7.12 -0.36 31.96
N ALA C 133 -6.56 0.33 30.97
CA ALA C 133 -5.14 0.68 30.93
C ALA C 133 -5.13 2.19 30.66
N VAL C 134 -4.30 2.92 31.40
CA VAL C 134 -4.20 4.37 31.31
C VAL C 134 -2.81 4.83 30.95
N ASN C 135 -2.68 5.68 29.92
CA ASN C 135 -1.39 6.24 29.55
C ASN C 135 -1.60 7.70 29.22
N TRP C 136 -1.48 8.57 30.25
CA TRP C 136 -1.69 9.99 30.02
C TRP C 136 -0.65 10.62 29.10
N ALA C 137 0.55 9.97 28.94
CA ALA C 137 1.57 10.48 28.03
C ALA C 137 1.26 10.14 26.56
N GLY C 138 0.22 9.33 26.30
CA GLY C 138 -0.16 8.96 24.95
C GLY C 138 -1.24 9.85 24.37
N GLY C 139 -1.86 9.38 23.30
CA GLY C 139 -2.94 10.09 22.62
C GLY C 139 -2.48 11.07 21.55
N LEU C 140 -1.31 10.83 20.95
CA LEU C 140 -0.71 11.75 20.00
C LEU C 140 -1.26 11.52 18.60
N HIS C 141 -2.56 11.89 18.47
CA HIS C 141 -3.36 11.57 17.30
C HIS C 141 -3.01 12.26 15.99
N HIS C 142 -2.17 13.30 15.98
CA HIS C 142 -1.88 14.00 14.72
C HIS C 142 -0.74 13.42 13.93
N ALA C 143 0.10 12.57 14.52
CA ALA C 143 1.26 12.01 13.81
C ALA C 143 0.81 11.14 12.63
N LYS C 144 1.48 11.30 11.51
CA LYS C 144 1.15 10.56 10.30
C LYS C 144 2.25 9.55 9.95
N LYS C 145 2.03 8.74 8.90
CA LYS C 145 3.00 7.69 8.54
C LYS C 145 4.42 8.20 8.38
N SER C 146 4.57 9.32 7.68
CA SER C 146 5.87 9.90 7.42
C SER C 146 5.85 11.41 7.63
N GLU C 147 5.17 11.86 8.68
CA GLU C 147 5.11 13.30 8.94
C GLU C 147 4.77 13.55 10.37
N ALA C 148 5.51 14.44 11.01
CA ALA C 148 5.16 14.94 12.33
C ALA C 148 4.08 16.00 12.10
N SER C 149 3.18 16.18 13.07
CA SER C 149 2.15 17.20 12.94
C SER C 149 1.56 17.55 14.27
N GLY C 150 1.23 18.81 14.47
CA GLY C 150 0.50 19.22 15.66
C GLY C 150 1.09 18.78 16.99
N PHE C 151 2.42 18.93 17.08
CA PHE C 151 3.21 18.61 18.25
C PHE C 151 3.39 17.10 18.48
N CYS C 152 2.93 16.26 17.54
CA CYS C 152 2.98 14.81 17.63
C CYS C 152 3.98 14.29 16.63
N TYR C 153 4.74 13.26 17.01
CA TYR C 153 5.75 12.70 16.10
C TYR C 153 5.45 11.24 15.77
N VAL C 154 5.14 10.44 16.76
CA VAL C 154 4.86 9.02 16.60
C VAL C 154 3.44 8.77 17.07
N ASN C 155 2.66 8.09 16.25
CA ASN C 155 1.26 7.86 16.56
C ASN C 155 1.10 6.65 17.43
N ASP C 156 1.21 6.88 18.75
CA ASP C 156 1.08 5.80 19.73
C ASP C 156 -0.31 5.13 19.65
N ILE C 157 -1.33 5.91 19.27
CA ILE C 157 -2.68 5.39 19.21
C ILE C 157 -2.81 4.36 18.12
N VAL C 158 -2.32 4.69 16.92
CA VAL C 158 -2.39 3.76 15.80
C VAL C 158 -1.61 2.47 16.15
N LEU C 159 -0.43 2.61 16.78
CA LEU C 159 0.36 1.43 17.15
C LEU C 159 -0.36 0.59 18.19
N ALA C 160 -1.03 1.24 19.18
CA ALA C 160 -1.77 0.47 20.17
C ALA C 160 -2.96 -0.25 19.53
N ILE C 161 -3.65 0.41 18.57
CA ILE C 161 -4.78 -0.21 17.90
C ILE C 161 -4.31 -1.39 17.04
N LEU C 162 -3.15 -1.30 16.37
CA LEU C 162 -2.63 -2.45 15.61
C LEU C 162 -2.40 -3.64 16.55
N GLU C 163 -1.95 -3.38 17.77
CA GLU C 163 -1.77 -4.44 18.75
C GLU C 163 -3.14 -5.02 19.17
N LEU C 164 -4.12 -4.16 19.47
CA LEU C 164 -5.47 -4.62 19.83
C LEU C 164 -6.11 -5.47 18.73
N LEU C 165 -5.83 -5.14 17.46
CA LEU C 165 -6.40 -5.86 16.32
C LEU C 165 -5.97 -7.32 16.25
N LYS C 166 -4.88 -7.70 16.94
CA LYS C 166 -4.47 -9.11 16.96
C LYS C 166 -5.50 -9.94 17.76
N TYR C 167 -6.18 -9.35 18.74
CA TYR C 167 -7.12 -10.07 19.60
C TYR C 167 -8.57 -9.58 19.51
N HIS C 168 -8.84 -8.54 18.73
CA HIS C 168 -10.18 -7.95 18.61
C HIS C 168 -10.54 -7.73 17.16
N GLN C 169 -11.66 -8.29 16.68
CA GLN C 169 -12.08 -8.12 15.30
C GLN C 169 -12.45 -6.68 15.01
N ARG C 170 -13.11 -6.01 15.98
CA ARG C 170 -13.55 -4.63 15.82
C ARG C 170 -13.12 -3.80 17.02
N VAL C 171 -12.42 -2.69 16.75
CA VAL C 171 -11.94 -1.77 17.77
C VAL C 171 -12.59 -0.41 17.56
N LEU C 172 -13.13 0.20 18.62
CA LEU C 172 -13.73 1.52 18.53
C LEU C 172 -12.76 2.53 19.12
N TYR C 173 -12.51 3.61 18.38
CA TYR C 173 -11.67 4.72 18.83
C TYR C 173 -12.57 5.94 18.98
N ILE C 174 -12.56 6.57 20.16
CA ILE C 174 -13.34 7.76 20.48
C ILE C 174 -12.36 8.85 20.87
N ASP C 175 -12.56 10.05 20.34
CA ASP C 175 -11.61 11.13 20.54
C ASP C 175 -12.32 12.40 20.96
N ILE C 176 -12.09 12.82 22.22
CA ILE C 176 -12.75 14.02 22.77
C ILE C 176 -11.81 15.21 22.92
N ASP C 177 -10.61 15.11 22.30
CA ASP C 177 -9.71 16.25 22.19
C ASP C 177 -10.44 17.34 21.37
N ILE C 178 -10.05 18.62 21.52
CA ILE C 178 -10.71 19.65 20.73
C ILE C 178 -10.35 19.54 19.23
N HIS C 179 -9.18 18.91 18.91
CA HIS C 179 -8.76 18.80 17.52
C HIS C 179 -9.20 17.51 16.90
N HIS C 180 -9.50 17.55 15.59
CA HIS C 180 -9.87 16.33 14.85
C HIS C 180 -8.75 15.25 14.99
N GLY C 181 -9.13 14.00 15.25
CA GLY C 181 -8.18 12.90 15.35
C GLY C 181 -7.78 12.44 13.95
N ASP C 182 -7.14 13.32 13.20
CA ASP C 182 -6.79 13.07 11.81
C ASP C 182 -5.84 11.91 11.53
N GLY C 183 -4.76 11.79 12.31
CA GLY C 183 -3.78 10.74 12.06
C GLY C 183 -4.37 9.36 12.26
N VAL C 184 -5.22 9.19 13.27
CA VAL C 184 -5.86 7.92 13.54
C VAL C 184 -6.92 7.62 12.50
N GLU C 185 -7.73 8.63 12.15
CA GLU C 185 -8.77 8.46 11.14
C GLU C 185 -8.13 8.05 9.81
N GLU C 186 -7.04 8.71 9.45
CA GLU C 186 -6.34 8.40 8.19
C GLU C 186 -5.79 6.99 8.19
N ALA C 187 -5.20 6.53 9.29
CA ALA C 187 -4.62 5.17 9.32
C ALA C 187 -5.67 4.12 9.01
N PHE C 188 -6.90 4.31 9.52
CA PHE C 188 -7.94 3.30 9.38
C PHE C 188 -9.10 3.70 8.46
N TYR C 189 -8.88 4.71 7.62
CA TYR C 189 -9.94 5.25 6.77
C TYR C 189 -10.62 4.25 5.87
N THR C 190 -9.89 3.23 5.44
CA THR C 190 -10.47 2.26 4.51
C THR C 190 -10.71 0.89 5.11
N THR C 191 -10.78 0.78 6.43
CA THR C 191 -11.11 -0.48 7.07
C THR C 191 -12.34 -0.36 7.93
N ASP C 192 -13.06 -1.46 8.04
CA ASP C 192 -14.21 -1.58 8.92
C ASP C 192 -13.80 -2.22 10.27
N ARG C 193 -12.52 -2.62 10.43
CA ARG C 193 -12.03 -3.20 11.67
C ARG C 193 -11.75 -2.19 12.78
N VAL C 194 -11.76 -0.90 12.44
CA VAL C 194 -11.64 0.18 13.39
C VAL C 194 -12.68 1.22 13.03
N MET C 195 -13.49 1.64 14.00
CA MET C 195 -14.39 2.75 13.77
C MET C 195 -13.77 3.92 14.52
N THR C 196 -13.64 5.06 13.87
CA THR C 196 -13.08 6.26 14.52
C THR C 196 -14.18 7.27 14.69
N VAL C 197 -14.33 7.81 15.90
CA VAL C 197 -15.37 8.79 16.21
C VAL C 197 -14.72 10.01 16.85
N SER C 198 -14.77 11.14 16.20
CA SER C 198 -14.13 12.36 16.68
C SER C 198 -15.14 13.49 16.85
N PHE C 199 -15.09 14.17 18.00
CA PHE C 199 -15.91 15.35 18.34
C PHE C 199 -14.88 16.46 18.42
N HIS C 200 -15.00 17.51 17.60
CA HIS C 200 -13.94 18.52 17.56
C HIS C 200 -14.39 19.82 17.02
N LYS C 201 -13.61 20.87 17.30
CA LYS C 201 -13.88 22.18 16.71
C LYS C 201 -13.55 22.06 15.20
N TYR C 202 -14.41 22.60 14.35
CA TYR C 202 -14.22 22.54 12.91
C TYR C 202 -14.55 23.89 12.32
N GLY C 203 -13.70 24.36 11.43
CA GLY C 203 -13.90 25.66 10.76
C GLY C 203 -12.80 26.63 11.15
N GLU C 204 -11.91 26.97 10.19
CA GLU C 204 -10.75 27.86 10.39
C GLU C 204 -9.97 27.40 11.63
N TYR C 205 -9.68 26.08 11.67
CA TYR C 205 -9.06 25.50 12.84
C TYR C 205 -8.21 24.31 12.51
N PHE C 206 -7.10 24.16 13.21
CA PHE C 206 -6.21 23.02 13.01
C PHE C 206 -6.89 21.72 13.36
N PRO C 207 -6.65 20.63 12.62
CA PRO C 207 -5.82 20.51 11.41
C PRO C 207 -6.55 20.73 10.08
N GLY C 208 -7.80 21.17 10.12
CA GLY C 208 -8.58 21.49 8.92
C GLY C 208 -9.45 20.38 8.36
N THR C 209 -9.38 19.20 8.95
CA THR C 209 -10.13 18.02 8.53
C THR C 209 -11.23 17.65 9.52
N GLY C 210 -12.00 16.60 9.22
CA GLY C 210 -13.05 16.14 10.10
C GLY C 210 -14.37 16.78 9.80
N ASP C 211 -14.65 16.96 8.51
CA ASP C 211 -15.91 17.53 8.06
C ASP C 211 -17.01 16.48 8.31
N LEU C 212 -18.25 16.95 8.36
CA LEU C 212 -19.41 16.06 8.53
C LEU C 212 -19.46 14.97 7.42
N ARG C 213 -19.03 15.32 6.20
CA ARG C 213 -19.05 14.44 5.04
C ARG C 213 -17.90 13.42 4.99
N ASP C 214 -16.92 13.53 5.89
CA ASP C 214 -15.80 12.59 5.92
C ASP C 214 -16.22 11.38 6.68
N ILE C 215 -16.66 10.36 5.96
CA ILE C 215 -17.21 9.16 6.56
C ILE C 215 -16.46 7.86 6.25
N GLY C 216 -15.31 7.96 5.60
CA GLY C 216 -14.54 6.77 5.25
C GLY C 216 -14.63 6.45 3.77
N ALA C 217 -13.83 5.47 3.33
CA ALA C 217 -13.82 5.05 1.91
C ALA C 217 -13.60 3.54 1.84
N GLY C 218 -13.99 2.93 0.72
CA GLY C 218 -13.86 1.48 0.54
C GLY C 218 -14.67 0.76 1.60
N LYS C 219 -14.13 -0.33 2.16
CA LYS C 219 -14.78 -1.08 3.23
CA LYS C 219 -14.90 -1.04 3.19
C LYS C 219 -15.02 -0.21 4.48
N GLY C 220 -14.27 0.88 4.60
CA GLY C 220 -14.35 1.77 5.73
C GLY C 220 -15.43 2.83 5.57
N LYS C 221 -16.23 2.80 4.47
CA LYS C 221 -17.29 3.79 4.31
C LYS C 221 -18.32 3.55 5.41
N TYR C 222 -18.63 4.64 6.15
CA TYR C 222 -19.50 4.70 7.33
C TYR C 222 -18.78 4.30 8.64
N TYR C 223 -17.48 4.01 8.58
CA TYR C 223 -16.71 3.64 9.77
C TYR C 223 -15.82 4.79 10.30
N ALA C 224 -15.96 5.99 9.74
CA ALA C 224 -15.33 7.21 10.25
C ALA C 224 -16.51 8.14 10.55
N VAL C 225 -16.54 8.68 11.78
CA VAL C 225 -17.64 9.53 12.25
C VAL C 225 -17.02 10.81 12.76
N ASN C 226 -17.54 11.93 12.30
CA ASN C 226 -17.05 13.24 12.69
C ASN C 226 -18.18 14.13 13.12
N PHE C 227 -18.04 14.74 14.30
CA PHE C 227 -19.02 15.69 14.82
C PHE C 227 -18.34 17.06 14.87
N PRO C 228 -18.49 17.85 13.81
CA PRO C 228 -17.88 19.18 13.78
C PRO C 228 -18.63 20.16 14.68
N MET C 229 -17.90 20.88 15.51
CA MET C 229 -18.45 21.82 16.48
C MET C 229 -17.91 23.22 16.29
N ARG C 230 -18.67 24.19 16.76
CA ARG C 230 -18.31 25.60 16.76
C ARG C 230 -17.77 25.98 18.16
N ASP C 231 -17.28 27.21 18.33
CA ASP C 231 -16.74 27.64 19.62
C ASP C 231 -17.75 27.55 20.75
N GLY C 232 -17.25 27.42 21.96
CA GLY C 232 -18.04 27.53 23.16
C GLY C 232 -18.99 26.45 23.58
N ILE C 233 -18.84 25.23 23.04
CA ILE C 233 -19.72 24.14 23.48
C ILE C 233 -19.60 23.92 24.99
N ASP C 234 -20.71 23.71 25.66
CA ASP C 234 -20.73 23.55 27.11
C ASP C 234 -21.09 22.12 27.53
N ASP C 235 -21.08 21.84 28.85
CA ASP C 235 -21.39 20.53 29.36
C ASP C 235 -22.75 20.03 28.93
N GLU C 236 -23.78 20.90 28.99
CA GLU C 236 -25.13 20.48 28.60
C GLU C 236 -25.19 20.06 27.14
N SER C 237 -24.75 20.92 26.23
CA SER C 237 -24.78 20.62 24.80
C SER C 237 -23.93 19.44 24.39
N TYR C 238 -22.74 19.32 24.96
CA TYR C 238 -21.85 18.21 24.63
C TYR C 238 -22.45 16.91 25.15
N GLY C 239 -22.95 16.94 26.38
CA GLY C 239 -23.56 15.77 27.02
C GLY C 239 -24.78 15.25 26.28
N GLN C 240 -25.56 16.17 25.72
CA GLN C 240 -26.79 15.88 24.95
C GLN C 240 -26.50 15.09 23.68
N ILE C 241 -25.29 15.23 23.11
CA ILE C 241 -25.00 14.49 21.87
C ILE C 241 -24.02 13.33 22.09
N PHE C 242 -23.12 13.41 23.11
CA PHE C 242 -22.14 12.34 23.29
C PHE C 242 -22.77 11.00 23.62
N LYS C 243 -23.60 10.94 24.67
CA LYS C 243 -24.25 9.68 25.04
C LYS C 243 -25.09 9.07 23.93
N PRO C 244 -26.02 9.81 23.28
CA PRO C 244 -26.80 9.21 22.19
C PRO C 244 -25.94 8.73 21.02
N ILE C 245 -24.94 9.52 20.58
CA ILE C 245 -24.07 9.11 19.47
C ILE C 245 -23.29 7.84 19.84
N ILE C 246 -22.61 7.85 20.99
CA ILE C 246 -21.84 6.67 21.42
C ILE C 246 -22.73 5.45 21.63
N SER C 247 -23.96 5.63 22.18
CA SER C 247 -24.86 4.50 22.36
C SER C 247 -25.24 3.89 21.01
N LYS C 248 -25.48 4.73 20.00
CA LYS C 248 -25.82 4.24 18.67
C LYS C 248 -24.63 3.55 18.03
N VAL C 249 -23.42 4.10 18.20
CA VAL C 249 -22.20 3.50 17.67
C VAL C 249 -22.01 2.11 18.30
N MET C 250 -22.18 1.99 19.62
CA MET C 250 -22.02 0.71 20.31
C MET C 250 -23.03 -0.31 19.80
N GLU C 251 -24.28 0.13 19.62
CA GLU C 251 -25.34 -0.75 19.12
C GLU C 251 -25.03 -1.30 17.72
N MET C 252 -24.62 -0.41 16.80
CA MET C 252 -24.39 -0.79 15.41
C MET C 252 -23.08 -1.48 15.16
N TYR C 253 -22.03 -1.04 15.82
CA TYR C 253 -20.69 -1.55 15.57
C TYR C 253 -20.29 -2.72 16.45
N GLN C 254 -20.81 -2.79 17.67
CA GLN C 254 -20.50 -3.88 18.61
C GLN C 254 -18.98 -4.16 18.72
N PRO C 255 -18.19 -3.16 19.10
CA PRO C 255 -16.74 -3.39 19.23
C PRO C 255 -16.40 -4.28 20.42
N SER C 256 -15.22 -4.92 20.37
CA SER C 256 -14.79 -5.73 21.51
C SER C 256 -13.71 -5.06 22.36
N ALA C 257 -13.22 -3.87 21.93
CA ALA C 257 -12.26 -3.09 22.70
C ALA C 257 -12.44 -1.63 22.31
N VAL C 258 -12.14 -0.73 23.24
CA VAL C 258 -12.30 0.69 23.02
C VAL C 258 -11.04 1.43 23.38
N VAL C 259 -10.68 2.44 22.59
CA VAL C 259 -9.59 3.34 22.88
C VAL C 259 -10.24 4.71 22.99
N LEU C 260 -10.05 5.38 24.12
CA LEU C 260 -10.63 6.69 24.38
C LEU C 260 -9.50 7.72 24.56
N GLN C 261 -9.40 8.66 23.62
CA GLN C 261 -8.41 9.73 23.66
C GLN C 261 -9.11 10.86 24.45
N CYS C 262 -8.50 11.25 25.57
CA CYS C 262 -9.05 12.19 26.53
C CYS C 262 -8.39 13.55 26.50
N GLY C 263 -8.01 14.03 25.32
CA GLY C 263 -7.37 15.35 25.21
C GLY C 263 -8.10 16.44 25.99
N ALA C 264 -7.36 17.14 26.85
CA ALA C 264 -7.91 18.14 27.76
C ALA C 264 -7.94 19.55 27.20
N ASP C 265 -7.62 19.73 25.92
CA ASP C 265 -7.70 21.03 25.28
C ASP C 265 -9.14 21.42 24.93
N SER C 266 -10.10 20.53 25.19
CA SER C 266 -11.54 20.79 25.04
C SER C 266 -12.13 21.37 26.34
N LEU C 267 -11.30 21.64 27.37
CA LEU C 267 -11.77 22.23 28.60
C LEU C 267 -11.85 23.74 28.48
N SER C 268 -12.78 24.32 29.24
CA SER C 268 -12.91 25.76 29.39
C SER C 268 -11.56 26.33 29.92
N GLY C 269 -11.17 27.48 29.42
CA GLY C 269 -9.95 28.13 29.87
C GLY C 269 -8.67 27.62 29.26
N ASP C 270 -8.75 26.70 28.27
CA ASP C 270 -7.54 26.17 27.65
C ASP C 270 -6.83 27.28 26.87
N ARG C 271 -5.49 27.33 26.99
CA ARG C 271 -4.71 28.36 26.31
C ARG C 271 -4.85 28.36 24.80
N LEU C 272 -5.04 27.18 24.17
CA LEU C 272 -5.20 27.12 22.71
C LEU C 272 -6.63 26.84 22.26
N GLY C 273 -7.39 26.14 23.08
CA GLY C 273 -8.75 25.74 22.75
C GLY C 273 -9.80 26.82 22.89
N CYS C 274 -10.99 26.54 22.34
CA CYS C 274 -12.11 27.46 22.33
C CYS C 274 -13.40 26.81 22.78
N PHE C 275 -13.35 25.72 23.56
CA PHE C 275 -14.54 25.04 24.09
C PHE C 275 -14.78 25.48 25.55
N ASN C 276 -15.93 25.12 26.13
CA ASN C 276 -16.27 25.54 27.48
C ASN C 276 -16.70 24.40 28.39
N LEU C 277 -16.05 23.24 28.28
CA LEU C 277 -16.38 22.11 29.13
C LEU C 277 -15.73 22.20 30.49
N THR C 278 -16.40 21.71 31.53
CA THR C 278 -15.78 21.62 32.84
C THR C 278 -15.09 20.25 32.92
N VAL C 279 -14.33 19.99 33.99
CA VAL C 279 -13.73 18.69 34.22
C VAL C 279 -14.84 17.63 34.35
N LYS C 280 -15.98 17.97 35.01
CA LYS C 280 -17.08 17.02 35.11
C LYS C 280 -17.72 16.74 33.74
N GLY C 281 -17.85 17.75 32.91
CA GLY C 281 -18.43 17.58 31.58
C GLY C 281 -17.56 16.71 30.69
N HIS C 282 -16.25 16.90 30.79
CA HIS C 282 -15.28 16.13 30.03
C HIS C 282 -15.29 14.68 30.55
N ALA C 283 -15.23 14.49 31.89
CA ALA C 283 -15.20 13.18 32.52
C ALA C 283 -16.47 12.38 32.34
N LYS C 284 -17.61 13.05 32.06
CA LYS C 284 -18.87 12.34 31.79
C LYS C 284 -18.67 11.40 30.57
N CYS C 285 -17.77 11.76 29.65
CA CYS C 285 -17.46 10.93 28.49
C CYS C 285 -16.84 9.61 28.92
N VAL C 286 -15.93 9.65 29.89
CA VAL C 286 -15.30 8.45 30.42
C VAL C 286 -16.36 7.58 31.10
N GLU C 287 -17.24 8.23 31.91
CA GLU C 287 -18.32 7.51 32.58
C GLU C 287 -19.23 6.77 31.59
N VAL C 288 -19.64 7.46 30.52
CA VAL C 288 -20.52 6.85 29.51
C VAL C 288 -19.85 5.67 28.83
N VAL C 289 -18.57 5.82 28.43
CA VAL C 289 -17.85 4.74 27.78
C VAL C 289 -17.70 3.53 28.70
N LYS C 290 -17.46 3.76 30.00
CA LYS C 290 -17.34 2.69 30.96
C LYS C 290 -18.61 1.85 31.11
N THR C 291 -19.82 2.44 30.91
CA THR C 291 -21.09 1.69 31.04
C THR C 291 -21.18 0.50 30.10
N PHE C 292 -20.43 0.51 29.00
CA PHE C 292 -20.46 -0.59 28.03
C PHE C 292 -19.64 -1.82 28.45
N ASN C 293 -18.88 -1.71 29.55
CA ASN C 293 -18.11 -2.82 30.11
C ASN C 293 -17.20 -3.53 29.11
N LEU C 294 -16.45 -2.74 28.34
CA LEU C 294 -15.53 -3.30 27.36
C LEU C 294 -14.10 -2.98 27.76
N PRO C 295 -13.13 -3.83 27.34
CA PRO C 295 -11.69 -3.50 27.57
C PRO C 295 -11.43 -2.08 27.03
N LEU C 296 -10.83 -1.23 27.85
CA LEU C 296 -10.67 0.17 27.55
C LEU C 296 -9.28 0.70 27.78
N LEU C 297 -8.72 1.35 26.75
CA LEU C 297 -7.42 2.01 26.81
C LEU C 297 -7.70 3.52 26.86
N MET C 298 -7.36 4.20 27.96
CA MET C 298 -7.55 5.64 28.13
C MET C 298 -6.24 6.34 27.91
N LEU C 299 -6.21 7.32 27.02
CA LEU C 299 -4.99 8.02 26.64
C LEU C 299 -5.16 9.51 26.82
N GLY C 300 -4.03 10.20 26.92
CA GLY C 300 -4.01 11.65 27.02
C GLY C 300 -4.25 12.31 25.67
N GLY C 301 -3.69 13.49 25.50
CA GLY C 301 -3.84 14.26 24.28
C GLY C 301 -3.40 15.69 24.51
N GLY C 302 -4.06 16.64 23.89
CA GLY C 302 -3.72 18.05 24.08
C GLY C 302 -4.12 18.55 25.46
N GLY C 303 -3.86 19.82 25.71
CA GLY C 303 -4.20 20.44 27.00
C GLY C 303 -3.08 21.38 27.34
N TYR C 304 -3.39 22.68 27.42
CA TYR C 304 -2.39 23.74 27.50
C TYR C 304 -2.47 24.63 28.75
N THR C 305 -3.51 24.50 29.57
CA THR C 305 -3.60 25.22 30.86
C THR C 305 -3.30 24.06 31.77
N ILE C 306 -2.02 23.87 32.08
CA ILE C 306 -1.56 22.65 32.70
C ILE C 306 -2.15 22.37 34.07
N ARG C 307 -2.53 23.41 34.85
CA ARG C 307 -3.19 23.12 36.13
C ARG C 307 -4.56 22.42 35.90
N ASN C 308 -5.24 22.76 34.80
CA ASN C 308 -6.53 22.16 34.46
C ASN C 308 -6.34 20.79 33.85
N VAL C 309 -5.23 20.54 33.14
CA VAL C 309 -4.94 19.21 32.60
C VAL C 309 -4.74 18.26 33.78
N ALA C 310 -3.95 18.70 34.79
CA ALA C 310 -3.73 17.87 35.97
C ALA C 310 -5.04 17.56 36.70
N ARG C 311 -5.93 18.54 36.84
CA ARG C 311 -7.22 18.30 37.50
C ARG C 311 -8.06 17.30 36.69
N CYS C 312 -8.13 17.51 35.35
CA CYS C 312 -8.93 16.69 34.46
C CYS C 312 -8.52 15.24 34.48
N TRP C 313 -7.22 14.96 34.26
CA TRP C 313 -6.77 13.59 34.20
C TRP C 313 -6.72 12.93 35.58
N THR C 314 -6.56 13.73 36.66
CA THR C 314 -6.65 13.17 38.00
C THR C 314 -8.12 12.69 38.22
N TYR C 315 -9.09 13.54 37.88
CA TYR C 315 -10.50 13.18 38.06
C TYR C 315 -10.89 11.99 37.18
N GLU C 316 -10.36 11.94 35.94
CA GLU C 316 -10.67 10.83 35.04
C GLU C 316 -10.04 9.52 35.50
N THR C 317 -8.92 9.60 36.23
CA THR C 317 -8.31 8.39 36.81
C THR C 317 -9.23 7.92 37.97
N ALA C 318 -9.79 8.87 38.75
CA ALA C 318 -10.73 8.51 39.83
C ALA C 318 -11.99 7.89 39.20
N VAL C 319 -12.47 8.41 38.05
CA VAL C 319 -13.63 7.82 37.35
C VAL C 319 -13.29 6.39 36.92
N ALA C 320 -12.08 6.16 36.37
CA ALA C 320 -11.68 4.82 35.97
C ALA C 320 -11.70 3.85 37.16
N LEU C 321 -11.28 4.33 38.33
CA LEU C 321 -11.27 3.53 39.55
C LEU C 321 -12.61 3.49 40.27
N ASP C 322 -13.64 4.23 39.80
CA ASP C 322 -14.96 4.35 40.44
C ASP C 322 -14.75 4.78 41.90
N CYS C 323 -13.87 5.76 42.11
CA CYS C 323 -13.51 6.24 43.43
CA CYS C 323 -13.52 6.25 43.44
C CYS C 323 -13.85 7.70 43.58
N GLU C 324 -14.64 8.06 44.60
CA GLU C 324 -14.97 9.44 44.84
C GLU C 324 -13.76 10.14 45.46
N ILE C 325 -13.47 11.36 45.03
CA ILE C 325 -12.37 12.14 45.57
C ILE C 325 -12.89 13.53 45.93
N PRO C 326 -12.41 14.12 47.04
CA PRO C 326 -12.92 15.44 47.43
C PRO C 326 -12.53 16.58 46.50
N ASN C 327 -13.35 17.63 46.47
CA ASN C 327 -13.10 18.83 45.69
C ASN C 327 -11.87 19.58 46.25
N GLU C 328 -11.56 19.42 47.54
CA GLU C 328 -10.40 20.04 48.17
C GLU C 328 -9.18 19.27 47.71
N LEU C 329 -8.25 19.96 47.04
CA LEU C 329 -7.03 19.30 46.58
C LEU C 329 -6.18 18.91 47.78
N PRO C 330 -5.58 17.71 47.74
CA PRO C 330 -4.68 17.34 48.83
C PRO C 330 -3.38 18.12 48.64
N TYR C 331 -2.53 18.12 49.67
CA TYR C 331 -1.20 18.75 49.56
C TYR C 331 -0.42 17.96 48.48
N ASN C 332 0.35 18.65 47.66
CA ASN C 332 1.13 18.01 46.61
C ASN C 332 2.34 18.89 46.26
N ASP C 333 3.27 18.36 45.45
CA ASP C 333 4.49 19.07 45.04
C ASP C 333 4.23 20.36 44.27
N TYR C 334 3.02 20.53 43.72
CA TYR C 334 2.68 21.72 42.93
C TYR C 334 1.49 22.45 43.51
N PHE C 335 1.25 22.31 44.82
CA PHE C 335 0.11 22.91 45.50
C PHE C 335 -0.13 24.37 45.15
N GLU C 336 0.92 25.17 45.19
CA GLU C 336 0.86 26.60 44.90
C GLU C 336 0.28 26.91 43.52
N TYR C 337 0.50 26.04 42.53
CA TYR C 337 -0.01 26.23 41.16
C TYR C 337 -1.56 26.27 41.11
N PHE C 338 -2.24 25.74 42.13
CA PHE C 338 -3.71 25.70 42.14
C PHE C 338 -4.41 26.78 42.95
N GLY C 339 -3.68 27.80 43.36
CA GLY C 339 -4.24 28.89 44.15
C GLY C 339 -5.13 29.83 43.37
N PRO C 340 -5.92 30.68 44.06
CA PRO C 340 -6.03 30.84 45.52
C PRO C 340 -7.09 29.95 46.19
N ASP C 341 -7.88 29.18 45.41
CA ASP C 341 -8.94 28.36 45.99
C ASP C 341 -8.54 26.89 46.21
N PHE C 342 -7.55 26.38 45.46
CA PHE C 342 -7.05 25.02 45.64
C PHE C 342 -8.12 23.93 45.55
N LYS C 343 -9.00 24.04 44.55
CA LYS C 343 -10.07 23.07 44.31
C LYS C 343 -9.82 22.27 43.04
N LEU C 344 -10.41 21.09 42.97
CA LEU C 344 -10.30 20.19 41.83
C LEU C 344 -11.17 20.64 40.65
N HIS C 345 -12.43 21.01 40.93
CA HIS C 345 -13.36 21.33 39.86
C HIS C 345 -13.30 22.78 39.44
N ILE C 346 -13.54 22.99 38.16
CA ILE C 346 -13.49 24.32 37.56
C ILE C 346 -14.86 24.81 37.15
N SER C 347 -15.02 26.12 37.14
CA SER C 347 -16.27 26.73 36.71
C SER C 347 -16.09 27.08 35.25
N PRO C 348 -17.14 26.91 34.44
CA PRO C 348 -17.02 27.31 33.02
C PRO C 348 -16.96 28.82 32.90
N SER C 349 -16.51 29.31 31.76
CA SER C 349 -16.43 30.73 31.50
C SER C 349 -17.80 31.24 31.00
N ASN C 350 -17.93 32.57 30.80
CA ASN C 350 -19.17 33.13 30.28
C ASN C 350 -19.17 33.21 28.74
N MET C 351 -18.24 32.50 28.05
CA MET C 351 -18.16 32.55 26.60
C MET C 351 -19.44 32.06 25.95
N THR C 352 -19.77 32.65 24.81
CA THR C 352 -20.97 32.28 24.08
C THR C 352 -20.82 30.91 23.42
N ASN C 353 -21.86 30.11 23.54
CA ASN C 353 -21.90 28.80 22.91
C ASN C 353 -22.42 29.05 21.51
N GLN C 354 -21.57 28.94 20.50
CA GLN C 354 -21.93 29.19 19.11
C GLN C 354 -22.64 28.01 18.41
N ASN C 355 -22.86 26.91 19.13
CA ASN C 355 -23.54 25.73 18.61
C ASN C 355 -25.01 25.87 18.98
N THR C 356 -25.83 26.28 18.02
CA THR C 356 -27.25 26.44 18.33
C THR C 356 -27.92 25.07 18.47
N PRO C 357 -29.07 25.00 19.17
CA PRO C 357 -29.82 23.75 19.21
C PRO C 357 -30.15 23.23 17.80
N GLU C 358 -30.50 24.11 16.87
CA GLU C 358 -30.80 23.68 15.50
C GLU C 358 -29.57 23.01 14.83
N TYR C 359 -28.40 23.64 15.00
CA TYR C 359 -27.17 23.11 14.41
C TYR C 359 -26.85 21.73 14.98
N MET C 360 -26.91 21.59 16.30
CA MET C 360 -26.58 20.33 16.94
C MET C 360 -27.52 19.22 16.53
N GLU C 361 -28.81 19.52 16.42
CA GLU C 361 -29.79 18.52 16.03
C GLU C 361 -29.55 18.08 14.59
N LYS C 362 -29.19 19.02 13.70
CA LYS C 362 -28.91 18.69 12.29
C LYS C 362 -27.71 17.72 12.20
N ILE C 363 -26.64 18.00 12.94
CA ILE C 363 -25.46 17.13 12.90
C ILE C 363 -25.81 15.77 13.50
N LYS C 364 -26.50 15.74 14.64
CA LYS C 364 -26.88 14.47 15.27
C LYS C 364 -27.72 13.60 14.33
N GLN C 365 -28.68 14.22 13.64
CA GLN C 365 -29.54 13.46 12.72
C GLN C 365 -28.74 12.88 11.58
N ARG C 366 -27.77 13.64 11.03
CA ARG C 366 -26.93 13.12 9.95
C ARG C 366 -26.11 11.92 10.45
N LEU C 367 -25.51 12.03 11.64
CA LEU C 367 -24.71 10.93 12.17
C LEU C 367 -25.56 9.69 12.40
N PHE C 368 -26.82 9.87 12.87
CA PHE C 368 -27.70 8.69 13.06
C PHE C 368 -28.01 8.07 11.70
N GLU C 369 -28.27 8.88 10.68
CA GLU C 369 -28.53 8.36 9.33
C GLU C 369 -27.34 7.54 8.81
N ASN C 370 -26.10 8.05 9.01
CA ASN C 370 -24.89 7.36 8.60
C ASN C 370 -24.68 6.08 9.39
N LEU C 371 -24.98 6.09 10.70
CA LEU C 371 -24.85 4.91 11.54
C LEU C 371 -25.82 3.80 11.10
N ARG C 372 -27.00 4.19 10.59
N ARG C 372 -27.00 4.18 10.60
CA ARG C 372 -27.97 3.22 10.08
CA ARG C 372 -27.95 3.19 10.09
C ARG C 372 -27.49 2.56 8.76
C ARG C 372 -27.44 2.51 8.80
N MET C 373 -26.35 2.99 8.19
CA MET C 373 -25.79 2.42 6.97
C MET C 373 -24.79 1.27 7.26
N LEU C 374 -24.46 1.02 8.55
CA LEU C 374 -23.59 -0.10 8.90
C LEU C 374 -24.41 -1.39 8.72
N PRO C 375 -23.79 -2.52 8.37
CA PRO C 375 -24.57 -3.75 8.18
C PRO C 375 -25.27 -4.21 9.45
N HIS C 376 -26.53 -4.60 9.31
CA HIS C 376 -27.32 -5.06 10.43
C HIS C 376 -28.52 -5.88 9.91
#